data_3W5B
#
_entry.id   3W5B
#
_cell.length_a   186.787
_cell.length_b   55.293
_cell.length_c   178.278
_cell.angle_alpha   90.00
_cell.angle_beta   118.18
_cell.angle_gamma   90.00
#
_symmetry.space_group_name_H-M   'C 1 2 1'
#
loop_
_entity.id
_entity.type
_entity.pdbx_description
1 polymer SERCA1a
2 non-polymer 'SODIUM ION'
3 non-polymer 'MAGNESIUM ION'
4 non-polymer "2',3'-O-[(1r)-2,4,6-trinitrocyclohexa-2,5-diene-1,1-diyl]adenosine 5'-(dihydrogen phosphate)"
5 non-polymer PHOSPHATIDYLETHANOLAMINE
6 water water
#
_entity_poly.entity_id   1
_entity_poly.type   'polypeptide(L)'
_entity_poly.pdbx_seq_one_letter_code
;SDNAIAMEAAHSKSTEECLAYFGVSETTGLTPDQVKRHLEKYGHNELPAEEGKSLWELVIEQFEDLLVRILLLAACISFV
LAWFEEGEETITAFVEPFVILLILIANAIVGVWQERNAENAIEALKEYEPEMGKVYRADRKSVQRIKARDIVPGDIVEVA
VGDKVPADIRILSIKSTTLRVDQSILTGESVSVIKHTEPVPDPRAVNQDKKNMLFSGTNIAAGKALGIVATTGVSTEIGK
IRDQMAATEQDKTPLQQKLDEFGEQLSKVISLICVAVWLINIGHFNDPVHGGSWIRGAIYYFKIAVALAVAAIPEGLPAV
ITTCLALGTRRMAKKNAIVRSLPSVETLGCTSVICSDKTGTLTTNQMSVCKMFIIDKVDGDFCSLNEFSITGSTYAPEGE
VLKNDKPIRSGQFDGLVELATICALCNDSSLDFNETKGVYEKVGEATETALTTLVEKMNVFNTEVRNLSKVERANACNSV
IRQLMKKEFTLEFSRDRKSMSVYCSPAKSSRAAVGNKMFVKGAPEGVIDRCNYVRVGTTRVPMTGPVKEKILSVIKEWGT
GRDTLRCLALATRDTPPKREEMVLDDSSRFMEYETDLTFVGVVGMLDPPRKEVMGSIQLCRDAGIRVIMITGDNKGTAIA
ICRRIGIFGENEEVADRAYTGREFDDLPLAEQREACRRACCFARVEPSHKSKIVEYLQSYDEITAMTGDGVNDAPALKKA
EIGIAMGSGTAVAKTASEMVLADDNFSTIVAAVEEGRAIYNNMKQFIRYLISSNVGEVVCIFLTAALGLPEALIPVQLLW
VNLVTDGLPATALGFNPPDLDIMDRPPRSPKEPLISGWLFFRYMAIGGYVGAATVGAAAWWFMYAEDGPGVTYHQLTHFM
QCTEDHPHFEGLDCEIFEAPEPMTMALSVLVTIEMCNALNSLSENQSLMRMPPWVNIWLLGSICLSMSLHFLILYVDPLP
MIFKLKALDLTQWLMVLKISLPVIGLDEILKFIARNYLEG
;
_entity_poly.pdbx_strand_id   A
#
# COMPACT_ATOMS: atom_id res chain seq x y z
N ALA A 4 29.52 30.41 12.43
CA ALA A 4 28.28 30.66 11.65
C ALA A 4 28.36 30.03 10.25
N ILE A 5 27.71 28.87 10.09
CA ILE A 5 27.66 28.18 8.80
C ILE A 5 26.41 28.51 7.97
N ALA A 6 25.35 28.97 8.64
CA ALA A 6 24.06 29.25 7.99
C ALA A 6 23.78 30.74 7.67
N MET A 7 23.05 30.98 6.59
CA MET A 7 22.59 32.31 6.22
C MET A 7 21.57 32.77 7.27
N GLU A 8 21.98 33.75 8.08
CA GLU A 8 21.18 34.19 9.22
C GLU A 8 20.18 35.28 8.84
N ALA A 9 18.89 34.95 8.97
CA ALA A 9 17.79 35.90 8.81
C ALA A 9 17.59 36.38 7.37
N ALA A 10 17.35 35.42 6.47
CA ALA A 10 16.98 35.73 5.09
C ALA A 10 15.61 36.37 5.07
N HIS A 11 14.78 36.00 6.05
CA HIS A 11 13.45 36.60 6.24
C HIS A 11 13.54 38.09 6.42
N SER A 12 14.71 38.54 6.86
CA SER A 12 14.98 39.96 7.07
C SER A 12 15.90 40.55 5.98
N LYS A 13 15.86 39.97 4.78
CA LYS A 13 16.68 40.44 3.66
C LYS A 13 15.85 40.60 2.38
N SER A 14 16.46 41.24 1.38
CA SER A 14 15.81 41.48 0.09
C SER A 14 16.16 40.35 -0.88
N THR A 15 15.42 40.28 -1.99
CA THR A 15 15.65 39.23 -2.99
C THR A 15 17.07 39.30 -3.55
N GLU A 16 17.55 40.51 -3.77
CA GLU A 16 18.93 40.72 -4.23
C GLU A 16 19.95 40.30 -3.19
N GLU A 17 19.70 40.66 -1.93
CA GLU A 17 20.55 40.26 -0.80
C GLU A 17 20.63 38.75 -0.65
N CYS A 18 19.62 38.06 -1.15
CA CYS A 18 19.62 36.60 -1.18
C CYS A 18 20.27 36.04 -2.45
N LEU A 19 19.99 36.68 -3.59
CA LEU A 19 20.62 36.30 -4.86
C LEU A 19 22.11 36.58 -4.81
N ALA A 20 22.50 37.42 -3.85
CA ALA A 20 23.89 37.79 -3.64
C ALA A 20 24.63 36.75 -2.82
N TYR A 21 24.17 36.50 -1.59
CA TYR A 21 24.86 35.62 -0.63
C TYR A 21 25.45 34.37 -1.28
N PHE A 22 24.77 33.86 -2.30
CA PHE A 22 25.21 32.68 -3.02
C PHE A 22 25.72 33.06 -4.40
N GLY A 23 24.99 33.95 -5.07
CA GLY A 23 25.45 34.49 -6.34
C GLY A 23 24.91 33.72 -7.53
N VAL A 24 23.66 34.01 -7.89
CA VAL A 24 23.03 33.27 -8.96
C VAL A 24 21.86 34.06 -9.54
N SER A 25 21.58 33.84 -10.82
CA SER A 25 20.46 34.49 -11.49
C SER A 25 19.27 33.55 -11.55
N GLU A 26 18.07 34.12 -11.50
CA GLU A 26 16.83 33.33 -11.58
C GLU A 26 16.47 32.88 -13.01
N THR A 27 17.46 32.95 -13.90
CA THR A 27 17.33 32.45 -15.27
C THR A 27 18.27 31.26 -15.44
N THR A 28 19.45 31.37 -14.84
CA THR A 28 20.48 30.34 -14.93
C THR A 28 20.25 29.29 -13.86
N GLY A 29 20.46 29.68 -12.61
CA GLY A 29 20.42 28.76 -11.49
C GLY A 29 21.84 28.32 -11.17
N LEU A 30 22.01 27.66 -10.03
CA LEU A 30 23.33 27.20 -9.55
C LEU A 30 24.10 26.30 -10.53
N THR A 31 25.32 26.71 -10.84
CA THR A 31 26.15 25.98 -11.80
C THR A 31 26.71 24.70 -11.19
N PRO A 32 26.92 23.64 -12.00
CA PRO A 32 27.52 22.37 -11.57
C PRO A 32 28.64 22.54 -10.54
N ASP A 33 29.36 23.66 -10.65
CA ASP A 33 30.45 24.05 -9.76
C ASP A 33 29.95 24.36 -8.33
N GLN A 34 29.11 25.39 -8.22
CA GLN A 34 28.50 25.80 -6.95
C GLN A 34 27.64 24.69 -6.35
N VAL A 35 27.00 23.92 -7.23
CA VAL A 35 26.25 22.72 -6.86
C VAL A 35 27.15 21.79 -6.05
N LYS A 36 28.30 21.45 -6.62
CA LYS A 36 29.29 20.62 -5.97
C LYS A 36 29.86 21.30 -4.72
N ARG A 37 30.20 22.58 -4.83
CA ARG A 37 30.78 23.36 -3.72
C ARG A 37 29.90 23.41 -2.48
N HIS A 38 28.61 23.74 -2.67
CA HIS A 38 27.65 23.81 -1.56
C HIS A 38 27.28 22.45 -1.05
N LEU A 39 27.33 21.46 -1.94
CA LEU A 39 27.06 20.07 -1.60
C LEU A 39 28.10 19.54 -0.59
N GLU A 40 29.32 20.08 -0.66
CA GLU A 40 30.44 19.67 0.20
C GLU A 40 30.60 20.57 1.45
N LYS A 41 30.18 21.82 1.35
CA LYS A 41 30.30 22.80 2.45
C LYS A 41 29.10 22.81 3.40
N TYR A 42 27.92 22.52 2.85
CA TYR A 42 26.67 22.43 3.62
C TYR A 42 26.18 20.98 3.75
N GLY A 43 26.40 20.18 2.71
CA GLY A 43 25.98 18.79 2.72
C GLY A 43 24.59 18.60 2.15
N HIS A 44 24.23 17.33 1.94
CA HIS A 44 22.93 16.97 1.38
C HIS A 44 21.79 17.43 2.24
N ASN A 45 20.68 17.82 1.61
CA ASN A 45 19.48 18.24 2.32
C ASN A 45 18.73 17.05 2.95
N GLU A 46 19.26 16.55 4.06
CA GLU A 46 18.68 15.39 4.76
C GLU A 46 19.24 15.27 6.17
N LEU A 47 18.43 14.70 7.07
CA LEU A 47 18.82 14.46 8.47
C LEU A 47 20.06 13.57 8.61
N PRO A 48 20.58 13.41 9.86
CA PRO A 48 21.74 12.56 10.08
C PRO A 48 21.42 11.08 9.90
N ALA A 49 22.28 10.39 9.14
CA ALA A 49 22.18 8.94 8.98
C ALA A 49 22.37 8.29 10.35
N GLU A 50 21.30 8.33 11.15
CA GLU A 50 21.30 7.83 12.51
C GLU A 50 21.63 6.35 12.52
N GLU A 51 22.49 5.93 13.44
CA GLU A 51 23.03 4.56 13.46
C GLU A 51 22.03 3.45 13.82
N GLY A 52 21.22 3.69 14.85
CA GLY A 52 20.26 2.69 15.34
C GLY A 52 20.72 1.93 16.58
N LYS A 53 21.60 0.95 16.38
CA LYS A 53 22.19 0.14 17.46
C LYS A 53 23.19 -0.89 16.91
N SER A 54 23.93 -1.55 17.80
CA SER A 54 24.77 -2.67 17.39
C SER A 54 24.15 -3.97 17.85
N LEU A 55 24.37 -4.98 17.03
CA LEU A 55 23.96 -6.36 17.29
C LEU A 55 24.25 -6.75 18.75
N TRP A 56 25.54 -6.69 19.10
CA TRP A 56 26.07 -6.98 20.42
C TRP A 56 25.27 -6.34 21.51
N GLU A 57 25.27 -5.00 21.54
CA GLU A 57 24.55 -4.22 22.56
C GLU A 57 23.10 -4.64 22.70
N LEU A 58 22.47 -4.90 21.55
CA LEU A 58 21.09 -5.33 21.53
C LEU A 58 20.95 -6.69 22.21
N VAL A 59 21.90 -7.60 21.93
CA VAL A 59 21.90 -8.91 22.55
C VAL A 59 21.99 -8.76 24.06
N ILE A 60 22.91 -7.92 24.51
CA ILE A 60 23.09 -7.64 25.93
C ILE A 60 21.75 -7.21 26.55
N GLU A 61 21.09 -6.26 25.89
CA GLU A 61 19.78 -5.77 26.33
C GLU A 61 18.78 -6.89 26.50
N GLN A 62 18.81 -7.85 25.59
CA GLN A 62 17.88 -8.98 25.65
C GLN A 62 18.15 -9.82 26.90
N PHE A 63 19.42 -9.91 27.33
CA PHE A 63 19.79 -10.65 28.53
C PHE A 63 19.48 -9.89 29.83
N GLU A 64 18.19 -9.80 30.17
CA GLU A 64 17.75 -9.09 31.38
C GLU A 64 16.38 -9.54 31.91
N ASP A 65 15.91 -10.68 31.43
CA ASP A 65 14.61 -11.22 31.84
C ASP A 65 14.63 -11.71 33.28
N LEU A 66 13.49 -11.58 33.95
CA LEU A 66 13.25 -12.18 35.26
C LEU A 66 13.62 -13.67 35.16
N LEU A 67 13.02 -14.33 34.19
CA LEU A 67 13.22 -15.75 33.95
C LEU A 67 14.65 -16.09 33.53
N VAL A 68 15.22 -15.29 32.64
CA VAL A 68 16.58 -15.54 32.17
C VAL A 68 17.63 -15.31 33.24
N ARG A 69 17.49 -14.23 34.01
CA ARG A 69 18.40 -13.96 35.14
C ARG A 69 18.27 -15.05 36.17
N ILE A 70 17.02 -15.37 36.53
CA ILE A 70 16.69 -16.42 37.48
C ILE A 70 17.28 -17.75 37.05
N LEU A 71 16.90 -18.22 35.86
CA LEU A 71 17.35 -19.51 35.36
C LEU A 71 18.86 -19.58 35.30
N LEU A 72 19.46 -18.62 34.62
CA LEU A 72 20.91 -18.57 34.47
C LEU A 72 21.64 -18.55 35.83
N LEU A 73 20.89 -18.35 36.91
CA LEU A 73 21.47 -18.35 38.26
C LEU A 73 21.12 -19.63 39.00
N ALA A 74 19.90 -20.10 38.81
CA ALA A 74 19.43 -21.35 39.38
C ALA A 74 20.18 -22.56 38.82
N ALA A 75 20.92 -22.35 37.72
CA ALA A 75 21.79 -23.39 37.14
C ALA A 75 23.19 -23.35 37.73
N CYS A 76 23.60 -22.19 38.22
CA CYS A 76 24.90 -22.03 38.88
C CYS A 76 24.86 -22.62 40.27
N ILE A 77 23.73 -22.48 40.94
CA ILE A 77 23.55 -23.06 42.25
C ILE A 77 23.74 -24.57 42.16
N SER A 78 23.00 -25.19 41.24
CA SER A 78 23.08 -26.64 41.03
C SER A 78 24.42 -27.13 40.43
N PHE A 79 25.29 -26.19 40.06
CA PHE A 79 26.63 -26.53 39.57
C PHE A 79 27.68 -26.32 40.65
N VAL A 80 27.64 -25.14 41.30
CA VAL A 80 28.54 -24.83 42.41
C VAL A 80 28.21 -25.72 43.62
N LEU A 81 27.19 -26.56 43.45
CA LEU A 81 26.81 -27.59 44.44
C LEU A 81 27.23 -29.02 44.03
N ALA A 82 27.07 -29.34 42.75
CA ALA A 82 27.43 -30.67 42.21
C ALA A 82 28.94 -30.93 42.23
N TRP A 83 29.67 -30.00 42.84
CA TRP A 83 31.11 -30.06 42.97
C TRP A 83 31.50 -30.40 44.38
N PHE A 84 30.66 -29.99 45.34
CA PHE A 84 30.95 -30.17 46.77
C PHE A 84 30.17 -31.34 47.38
N GLU A 85 29.92 -32.36 46.55
CA GLU A 85 29.13 -33.53 46.91
C GLU A 85 30.04 -34.76 46.94
N GLU A 86 29.44 -35.94 47.00
CA GLU A 86 30.18 -37.20 47.01
C GLU A 86 29.73 -38.11 45.86
N GLY A 87 30.55 -38.11 44.81
CA GLY A 87 30.26 -38.83 43.57
C GLY A 87 30.65 -37.92 42.43
N GLU A 88 31.96 -37.82 42.18
CA GLU A 88 32.50 -36.83 41.25
C GLU A 88 32.67 -37.31 39.80
N GLU A 89 31.70 -36.91 38.98
CA GLU A 89 31.73 -37.04 37.53
C GLU A 89 31.09 -35.75 37.04
N THR A 90 31.89 -34.69 37.00
CA THR A 90 31.41 -33.31 36.93
C THR A 90 31.10 -32.72 35.54
N ILE A 91 31.62 -33.36 34.48
CA ILE A 91 31.57 -32.81 33.10
C ILE A 91 30.18 -32.30 32.64
N THR A 92 29.14 -33.08 32.87
CA THR A 92 27.78 -32.70 32.43
C THR A 92 27.27 -31.47 33.19
N ALA A 93 27.38 -31.48 34.52
CA ALA A 93 26.93 -30.36 35.36
C ALA A 93 27.79 -29.11 35.16
N PHE A 94 28.99 -29.32 34.62
CA PHE A 94 29.94 -28.25 34.31
C PHE A 94 29.52 -27.50 33.03
N VAL A 95 29.17 -28.26 32.00
CA VAL A 95 28.79 -27.71 30.69
C VAL A 95 27.33 -27.22 30.67
N GLU A 96 26.52 -27.75 31.60
CA GLU A 96 25.07 -27.46 31.65
C GLU A 96 24.68 -25.97 31.71
N PRO A 97 25.13 -25.22 32.76
CA PRO A 97 24.76 -23.80 32.78
C PRO A 97 25.38 -23.01 31.62
N PHE A 98 26.51 -23.49 31.08
CA PHE A 98 27.16 -22.86 29.93
C PHE A 98 26.32 -22.98 28.65
N VAL A 99 25.74 -24.16 28.44
CA VAL A 99 24.84 -24.36 27.31
C VAL A 99 23.63 -23.43 27.43
N ILE A 100 23.07 -23.33 28.64
CA ILE A 100 22.03 -22.34 28.94
C ILE A 100 22.43 -20.97 28.38
N LEU A 101 23.65 -20.55 28.69
CA LEU A 101 24.19 -19.29 28.18
C LEU A 101 24.26 -19.24 26.65
N LEU A 102 24.89 -20.26 26.05
CA LEU A 102 25.06 -20.34 24.59
C LEU A 102 23.73 -20.31 23.86
N ILE A 103 22.78 -21.11 24.35
CA ILE A 103 21.44 -21.14 23.81
C ILE A 103 20.78 -19.77 23.96
N LEU A 104 20.77 -19.24 25.18
CA LEU A 104 20.19 -17.94 25.43
C LEU A 104 20.73 -16.87 24.50
N ILE A 105 22.04 -16.94 24.24
CA ILE A 105 22.67 -16.07 23.27
C ILE A 105 22.07 -16.28 21.88
N ALA A 106 21.95 -17.55 21.47
CA ALA A 106 21.40 -17.87 20.15
C ALA A 106 19.93 -17.43 19.97
N ASN A 107 19.21 -17.31 21.09
CA ASN A 107 17.91 -16.65 21.08
C ASN A 107 18.05 -15.25 20.51
N ALA A 108 18.90 -14.45 21.13
CA ALA A 108 19.16 -13.07 20.71
C ALA A 108 19.63 -12.98 19.27
N ILE A 109 20.38 -14.00 18.84
CA ILE A 109 20.87 -14.13 17.46
C ILE A 109 19.73 -13.94 16.47
N VAL A 110 18.73 -14.80 16.57
CA VAL A 110 17.57 -14.75 15.70
C VAL A 110 16.76 -13.51 16.02
N GLY A 111 16.67 -13.18 17.30
CA GLY A 111 16.02 -11.95 17.74
C GLY A 111 16.44 -10.79 16.86
N VAL A 112 17.70 -10.39 16.99
CA VAL A 112 18.27 -9.33 16.16
C VAL A 112 18.07 -9.63 14.68
N TRP A 113 18.22 -10.89 14.30
CA TRP A 113 18.09 -11.28 12.90
C TRP A 113 16.76 -10.87 12.30
N GLN A 114 15.65 -11.28 12.92
CA GLN A 114 14.32 -11.01 12.37
C GLN A 114 13.87 -9.56 12.47
N GLU A 115 14.16 -8.92 13.60
CA GLU A 115 13.85 -7.50 13.78
C GLU A 115 14.54 -6.69 12.70
N ARG A 116 15.84 -6.92 12.52
CA ARG A 116 16.62 -6.28 11.45
C ARG A 116 15.99 -6.52 10.08
N ASN A 117 15.51 -7.74 9.84
CA ASN A 117 14.82 -8.07 8.60
C ASN A 117 13.55 -7.23 8.43
N ALA A 118 12.81 -7.06 9.54
CA ALA A 118 11.61 -6.24 9.56
C ALA A 118 11.92 -4.75 9.34
N GLU A 119 13.01 -4.28 9.97
CA GLU A 119 13.51 -2.92 9.80
C GLU A 119 13.84 -2.61 8.34
N ASN A 120 14.44 -3.57 7.64
CA ASN A 120 14.83 -3.42 6.22
C ASN A 120 13.62 -3.23 5.29
N ALA A 121 12.61 -4.09 5.44
CA ALA A 121 11.40 -3.98 4.64
C ALA A 121 10.63 -2.69 4.94
N ILE A 122 11.04 -1.97 5.99
CA ILE A 122 10.51 -0.64 6.29
C ILE A 122 11.18 0.45 5.46
N GLU A 123 12.49 0.59 5.63
CA GLU A 123 13.26 1.60 4.89
C GLU A 123 13.07 1.53 3.39
N ALA A 124 13.10 0.30 2.85
CA ALA A 124 13.07 0.09 1.41
C ALA A 124 11.77 0.51 0.77
N LEU A 125 10.74 0.73 1.58
CA LEU A 125 9.47 1.23 1.08
C LEU A 125 9.62 2.64 0.54
N LYS A 126 10.48 3.42 1.20
CA LYS A 126 10.71 4.81 0.85
C LYS A 126 11.39 4.95 -0.51
N GLU A 127 12.16 3.95 -0.89
CA GLU A 127 12.81 3.87 -2.21
C GLU A 127 11.81 3.88 -3.38
N TYR A 128 10.58 3.46 -3.11
CA TYR A 128 9.54 3.45 -4.12
C TYR A 128 8.92 4.83 -4.36
N GLU A 129 9.05 5.73 -3.39
CA GLU A 129 8.47 7.07 -3.49
C GLU A 129 9.38 8.16 -2.92
N PRO A 130 10.46 8.51 -3.65
CA PRO A 130 11.44 9.45 -3.13
C PRO A 130 10.87 10.85 -3.06
N GLU A 131 11.55 11.72 -2.30
CA GLU A 131 11.19 13.13 -2.29
C GLU A 131 11.78 13.79 -3.54
N MET A 132 11.08 14.78 -4.09
CA MET A 132 11.50 15.44 -5.31
C MET A 132 11.23 16.94 -5.21
N GLY A 133 11.67 17.68 -6.22
CA GLY A 133 11.41 19.12 -6.32
C GLY A 133 11.96 19.70 -7.61
N LYS A 134 11.42 20.84 -8.04
CA LYS A 134 11.83 21.48 -9.30
C LYS A 134 12.88 22.56 -9.04
N VAL A 135 13.97 22.50 -9.78
CA VAL A 135 15.07 23.43 -9.57
C VAL A 135 15.59 24.02 -10.86
N TYR A 136 16.33 25.12 -10.71
CA TYR A 136 17.00 25.75 -11.82
C TYR A 136 18.48 25.81 -11.53
N ARG A 137 19.23 25.26 -12.47
CA ARG A 137 20.69 25.16 -12.38
C ARG A 137 21.28 25.57 -13.73
N ALA A 138 22.58 25.90 -13.74
CA ALA A 138 23.24 26.42 -14.94
C ALA A 138 23.25 25.48 -16.14
N ASP A 139 23.03 24.18 -15.89
CA ASP A 139 22.97 23.17 -16.95
C ASP A 139 22.21 23.65 -18.17
N ARG A 140 20.89 23.75 -18.04
CA ARG A 140 20.04 24.23 -19.10
C ARG A 140 19.01 25.22 -18.55
N LYS A 141 18.33 25.91 -19.46
CA LYS A 141 17.32 26.89 -19.10
C LYS A 141 15.96 26.24 -18.83
N SER A 142 15.93 24.91 -18.71
CA SER A 142 14.70 24.16 -18.46
C SER A 142 14.54 23.81 -16.96
N VAL A 143 13.34 23.35 -16.60
CA VAL A 143 13.00 23.00 -15.22
C VAL A 143 13.41 21.56 -14.88
N GLN A 144 14.33 21.43 -13.92
CA GLN A 144 14.89 20.12 -13.51
C GLN A 144 14.20 19.57 -12.28
N ARG A 145 14.11 18.25 -12.16
CA ARG A 145 13.60 17.65 -10.94
C ARG A 145 14.68 16.79 -10.30
N ILE A 146 14.75 16.83 -8.98
CA ILE A 146 15.77 16.10 -8.21
C ILE A 146 15.24 15.68 -6.83
N LYS A 147 15.93 14.72 -6.21
CA LYS A 147 15.58 14.32 -4.84
C LYS A 147 15.97 15.43 -3.85
N ALA A 148 15.06 15.72 -2.92
CA ALA A 148 15.19 16.86 -1.99
C ALA A 148 16.52 16.86 -1.22
N ARG A 149 17.19 15.71 -1.22
CA ARG A 149 18.52 15.60 -0.66
C ARG A 149 19.58 16.20 -1.57
N ASP A 150 19.23 16.38 -2.84
CA ASP A 150 20.13 16.97 -3.86
C ASP A 150 20.02 18.50 -3.99
N ILE A 151 19.23 19.11 -3.12
CA ILE A 151 19.02 20.54 -3.17
C ILE A 151 20.02 21.22 -2.24
N VAL A 152 20.82 22.10 -2.85
CA VAL A 152 21.84 22.87 -2.16
C VAL A 152 21.34 24.28 -1.82
N PRO A 153 21.46 24.68 -0.54
CA PRO A 153 20.99 26.00 -0.13
C PRO A 153 21.67 27.05 -0.96
N GLY A 154 20.92 27.63 -1.89
CA GLY A 154 21.46 28.61 -2.82
C GLY A 154 20.82 28.58 -4.19
N ASP A 155 20.30 27.42 -4.59
CA ASP A 155 19.70 27.27 -5.91
C ASP A 155 18.26 27.75 -5.98
N ILE A 156 17.71 27.76 -7.19
CA ILE A 156 16.38 28.30 -7.45
C ILE A 156 15.31 27.21 -7.49
N VAL A 157 14.36 27.28 -6.55
CA VAL A 157 13.29 26.28 -6.39
C VAL A 157 11.96 26.73 -6.97
N GLU A 158 11.31 25.83 -7.70
CA GLU A 158 9.98 26.10 -8.25
C GLU A 158 8.90 25.27 -7.53
N VAL A 159 7.83 25.95 -7.15
CA VAL A 159 6.72 25.31 -6.43
C VAL A 159 5.36 25.66 -7.06
N ALA A 160 4.54 24.63 -7.29
CA ALA A 160 3.20 24.82 -7.87
C ALA A 160 2.12 24.11 -7.05
N VAL A 161 0.86 24.27 -7.48
CA VAL A 161 -0.30 23.69 -6.78
C VAL A 161 -0.15 22.17 -6.59
N GLY A 162 0.02 21.75 -5.33
CA GLY A 162 0.08 20.34 -4.96
C GLY A 162 1.45 19.77 -4.59
N ASP A 163 2.48 20.60 -4.66
CA ASP A 163 3.87 20.19 -4.39
C ASP A 163 4.27 20.36 -2.90
N LYS A 164 5.41 19.79 -2.53
CA LYS A 164 5.97 19.95 -1.19
C LYS A 164 7.21 20.83 -1.25
N VAL A 165 7.24 21.91 -0.46
CA VAL A 165 8.44 22.73 -0.32
C VAL A 165 9.61 21.84 0.15
N PRO A 166 10.58 21.54 -0.76
CA PRO A 166 11.62 20.55 -0.48
C PRO A 166 12.76 21.08 0.38
N ALA A 167 12.75 22.40 0.62
CA ALA A 167 13.73 23.05 1.46
C ALA A 167 13.19 24.38 1.99
N ASP A 168 13.96 25.08 2.83
CA ASP A 168 13.64 26.45 3.28
C ASP A 168 14.01 27.47 2.18
N ILE A 169 13.01 28.03 1.51
CA ILE A 169 13.27 28.98 0.43
C ILE A 169 12.83 30.38 0.79
N ARG A 170 13.57 31.37 0.30
CA ARG A 170 13.12 32.75 0.36
C ARG A 170 12.40 32.98 -0.96
N ILE A 171 11.19 33.53 -0.90
CA ILE A 171 10.39 33.72 -2.11
C ILE A 171 10.99 34.80 -2.99
N LEU A 172 11.18 34.46 -4.25
CA LEU A 172 11.69 35.37 -5.25
C LEU A 172 10.55 36.00 -6.04
N SER A 173 9.70 35.16 -6.62
CA SER A 173 8.61 35.63 -7.49
C SER A 173 7.33 34.80 -7.31
N ILE A 174 6.23 35.47 -6.97
CA ILE A 174 4.94 34.81 -6.84
C ILE A 174 4.34 34.69 -8.25
N LYS A 175 4.69 33.59 -8.91
CA LYS A 175 4.27 33.32 -10.29
C LYS A 175 2.76 33.41 -10.49
N SER A 176 1.99 32.93 -9.51
CA SER A 176 0.54 33.04 -9.55
C SER A 176 0.11 34.47 -9.24
N THR A 177 -0.92 34.59 -8.42
CA THR A 177 -1.41 35.89 -7.99
C THR A 177 -1.56 35.88 -6.46
N THR A 178 -2.34 34.94 -5.94
CA THR A 178 -2.50 34.79 -4.50
C THR A 178 -1.87 33.47 -4.04
N LEU A 179 -0.71 33.57 -3.40
CA LEU A 179 0.01 32.37 -2.98
C LEU A 179 -0.40 31.89 -1.59
N ARG A 180 -0.89 30.66 -1.54
CA ARG A 180 -1.37 30.09 -0.30
C ARG A 180 -0.58 28.82 0.04
N VAL A 181 -0.12 28.72 1.30
CA VAL A 181 0.74 27.62 1.74
C VAL A 181 0.17 26.89 2.97
N ASP A 182 0.14 25.57 2.87
CA ASP A 182 -0.35 24.69 3.93
C ASP A 182 0.75 24.39 4.95
N GLN A 183 0.86 25.26 5.97
CA GLN A 183 1.94 25.18 6.96
C GLN A 183 1.60 24.30 8.17
N SER A 184 0.44 23.64 8.12
CA SER A 184 -0.08 22.80 9.19
C SER A 184 0.95 21.97 9.97
N ILE A 185 1.90 21.38 9.24
CA ILE A 185 2.89 20.48 9.83
C ILE A 185 3.86 21.15 10.84
N LEU A 186 4.16 22.43 10.61
CA LEU A 186 5.07 23.21 11.46
C LEU A 186 4.32 24.21 12.36
N THR A 187 3.79 25.28 11.76
CA THR A 187 3.16 26.39 12.51
C THR A 187 1.88 25.99 13.25
N GLY A 188 1.36 24.80 12.94
CA GLY A 188 0.12 24.30 13.53
C GLY A 188 -1.12 24.97 12.94
N GLU A 189 -0.93 25.71 11.86
CA GLU A 189 -2.00 26.45 11.18
C GLU A 189 -2.39 25.76 9.87
N SER A 190 -3.51 25.03 9.91
CA SER A 190 -4.03 24.27 8.76
C SER A 190 -4.49 25.20 7.65
N VAL A 191 -5.26 26.22 8.04
CA VAL A 191 -5.73 27.25 7.13
C VAL A 191 -4.52 27.84 6.39
N SER A 192 -4.54 27.76 5.05
CA SER A 192 -3.43 28.22 4.19
C SER A 192 -3.15 29.72 4.32
N VAL A 193 -1.87 30.07 4.46
CA VAL A 193 -1.45 31.47 4.63
C VAL A 193 -0.98 32.10 3.33
N ILE A 194 -1.17 33.41 3.20
CA ILE A 194 -0.76 34.12 2.00
C ILE A 194 0.69 34.54 2.14
N LYS A 195 1.38 34.67 1.00
CA LYS A 195 2.81 34.97 1.00
C LYS A 195 3.14 36.21 0.20
N HIS A 196 4.21 36.91 0.60
CA HIS A 196 4.68 38.14 -0.08
C HIS A 196 6.17 38.15 -0.31
N THR A 197 6.67 39.21 -0.95
CA THR A 197 8.10 39.34 -1.25
C THR A 197 8.77 40.52 -0.53
N GLU A 198 8.01 41.20 0.33
CA GLU A 198 8.55 42.28 1.17
C GLU A 198 9.46 41.74 2.28
N PRO A 199 10.56 42.45 2.58
CA PRO A 199 11.45 42.01 3.67
C PRO A 199 10.92 42.33 5.08
N VAL A 200 10.86 41.31 5.94
CA VAL A 200 10.44 41.47 7.34
C VAL A 200 11.55 42.18 8.15
N PRO A 201 11.18 43.05 9.12
CA PRO A 201 12.22 43.73 9.92
C PRO A 201 12.98 42.83 10.91
N ASP A 202 12.30 42.33 11.94
CA ASP A 202 12.92 41.48 12.97
C ASP A 202 13.44 40.17 12.38
N PRO A 203 14.78 39.98 12.44
CA PRO A 203 15.41 38.72 12.04
C PRO A 203 15.03 37.56 12.97
N ARG A 204 14.70 37.89 14.22
CA ARG A 204 14.27 36.91 15.19
C ARG A 204 12.76 36.68 15.17
N ALA A 205 12.11 36.99 14.03
CA ALA A 205 10.66 36.85 13.88
C ALA A 205 10.19 35.38 13.82
N VAL A 206 9.06 35.10 14.47
CA VAL A 206 8.44 33.76 14.52
C VAL A 206 7.96 33.34 13.13
N ASN A 207 7.77 32.04 12.93
CA ASN A 207 7.29 31.49 11.66
C ASN A 207 6.02 32.19 11.14
N GLN A 208 5.05 32.37 12.04
CA GLN A 208 3.80 33.04 11.71
C GLN A 208 4.03 34.46 11.18
N ASP A 209 5.26 34.96 11.28
CA ASP A 209 5.62 36.32 10.80
C ASP A 209 6.45 36.33 9.52
N LYS A 210 7.26 35.30 9.32
CA LYS A 210 8.13 35.19 8.13
C LYS A 210 7.33 34.71 6.92
N LYS A 211 6.38 35.54 6.48
CA LYS A 211 5.47 35.21 5.39
C LYS A 211 6.06 35.57 4.02
N ASN A 212 7.39 35.51 3.95
CA ASN A 212 8.16 35.61 2.72
C ASN A 212 9.06 34.38 2.57
N MET A 213 8.85 33.41 3.47
CA MET A 213 9.61 32.17 3.49
C MET A 213 8.70 30.97 3.26
N LEU A 214 9.26 29.90 2.70
CA LEU A 214 8.54 28.66 2.44
C LEU A 214 9.33 27.56 3.10
N PHE A 215 8.69 26.84 4.01
CA PHE A 215 9.42 25.91 4.87
C PHE A 215 9.42 24.47 4.40
N SER A 216 10.57 23.83 4.52
CA SER A 216 10.79 22.46 4.05
C SER A 216 9.85 21.44 4.69
N GLY A 217 8.74 21.17 4.01
CA GLY A 217 7.74 20.24 4.52
C GLY A 217 6.35 20.84 4.52
N THR A 218 6.27 22.14 4.29
CA THR A 218 4.98 22.77 4.12
C THR A 218 4.50 22.48 2.70
N ASN A 219 3.21 22.65 2.45
CA ASN A 219 2.62 22.27 1.17
C ASN A 219 2.02 23.44 0.44
N ILE A 220 2.33 23.56 -0.85
CA ILE A 220 1.70 24.60 -1.66
C ILE A 220 0.21 24.25 -1.81
N ALA A 221 -0.62 25.15 -1.30
CA ALA A 221 -2.07 24.95 -1.32
C ALA A 221 -2.73 25.58 -2.56
N ALA A 222 -2.56 26.89 -2.77
CA ALA A 222 -3.14 27.61 -3.92
C ALA A 222 -2.14 28.52 -4.66
N GLY A 223 -1.89 28.19 -5.94
CA GLY A 223 -1.03 28.99 -6.80
C GLY A 223 0.35 28.42 -7.05
N LYS A 224 1.21 29.24 -7.67
CA LYS A 224 2.58 28.86 -8.03
C LYS A 224 3.58 29.94 -7.58
N ALA A 225 4.84 29.55 -7.41
CA ALA A 225 5.89 30.47 -6.96
C ALA A 225 7.31 30.08 -7.32
N LEU A 226 8.19 31.07 -7.28
CA LEU A 226 9.63 30.88 -7.45
C LEU A 226 10.33 31.47 -6.21
N GLY A 227 11.48 30.89 -5.87
CA GLY A 227 12.22 31.26 -4.66
C GLY A 227 13.65 30.75 -4.68
N ILE A 228 14.42 31.11 -3.66
CA ILE A 228 15.83 30.73 -3.59
C ILE A 228 16.13 30.07 -2.25
N VAL A 229 16.87 28.96 -2.28
CA VAL A 229 17.13 28.16 -1.05
C VAL A 229 18.14 28.84 -0.11
N ALA A 230 17.81 28.88 1.18
CA ALA A 230 18.64 29.53 2.21
C ALA A 230 19.38 28.55 3.10
N THR A 231 18.63 27.56 3.63
CA THR A 231 19.20 26.48 4.46
C THR A 231 18.61 25.11 4.11
N THR A 232 19.41 24.06 4.31
CA THR A 232 18.96 22.69 4.12
C THR A 232 19.36 21.85 5.34
N GLY A 233 19.66 20.57 5.11
CA GLY A 233 20.16 19.67 6.17
C GLY A 233 19.37 19.71 7.47
N VAL A 234 20.09 19.87 8.59
CA VAL A 234 19.46 19.91 9.92
C VAL A 234 19.02 21.33 10.32
N SER A 235 19.64 22.33 9.70
CA SER A 235 19.34 23.74 9.99
C SER A 235 17.97 24.17 9.48
N THR A 236 17.28 23.26 8.78
CA THR A 236 15.90 23.48 8.34
C THR A 236 15.05 23.90 9.53
N GLU A 237 14.12 24.81 9.29
CA GLU A 237 13.19 25.23 10.33
C GLU A 237 12.47 24.03 10.92
N ILE A 238 12.23 23.02 10.08
CA ILE A 238 11.62 21.77 10.53
C ILE A 238 12.69 20.81 11.10
N GLY A 239 13.88 20.83 10.52
CA GLY A 239 14.98 19.93 10.91
C GLY A 239 15.51 20.20 12.30
N LYS A 240 15.43 21.48 12.71
CA LYS A 240 15.78 21.89 14.07
C LYS A 240 14.60 21.72 15.03
N ILE A 241 13.64 20.88 14.66
CA ILE A 241 12.53 20.50 15.53
C ILE A 241 12.39 18.97 15.54
N ARG A 242 12.89 18.33 14.49
CA ARG A 242 12.81 16.87 14.35
C ARG A 242 13.75 16.17 15.35
N ASP A 243 14.55 16.96 16.07
CA ASP A 243 15.34 16.47 17.20
C ASP A 243 14.47 16.35 18.45
N GLN A 244 13.30 16.99 18.41
CA GLN A 244 12.36 17.00 19.53
C GLN A 244 11.60 15.69 19.73
N MET A 245 11.19 15.05 18.63
CA MET A 245 10.53 13.73 18.70
C MET A 245 11.03 12.72 17.65
N ALA A 246 11.78 11.74 18.13
CA ALA A 246 12.31 10.66 17.29
C ALA A 246 11.43 9.40 17.31
N ALA A 247 10.69 9.20 18.41
CA ALA A 247 9.78 8.06 18.57
C ALA A 247 8.29 8.47 18.51
N THR A 248 7.66 8.20 17.37
CA THR A 248 6.23 8.47 17.17
C THR A 248 5.43 7.28 16.60
N GLU A 249 5.87 6.06 16.94
CA GLU A 249 5.10 4.86 16.62
C GLU A 249 4.06 4.63 17.73
N GLN A 250 3.48 5.74 18.19
CA GLN A 250 2.50 5.76 19.26
C GLN A 250 1.15 5.33 18.72
N ASP A 251 0.82 4.06 18.95
CA ASP A 251 -0.45 3.42 18.57
C ASP A 251 -0.25 1.99 18.11
N LYS A 252 -1.17 1.10 18.48
CA LYS A 252 -1.11 -0.31 18.12
C LYS A 252 -2.44 -0.78 17.56
N THR A 253 -2.40 -1.29 16.33
CA THR A 253 -3.60 -1.79 15.64
C THR A 253 -4.40 -2.71 16.55
N PRO A 254 -5.74 -2.66 16.44
CA PRO A 254 -6.61 -3.46 17.29
C PRO A 254 -6.30 -4.96 17.18
N LEU A 255 -5.73 -5.36 16.05
CA LEU A 255 -5.30 -6.74 15.87
C LEU A 255 -4.09 -7.05 16.72
N GLN A 256 -3.04 -6.23 16.62
CA GLN A 256 -1.87 -6.38 17.48
C GLN A 256 -2.30 -6.37 18.93
N GLN A 257 -3.24 -5.47 19.22
CA GLN A 257 -3.83 -5.36 20.53
C GLN A 257 -4.47 -6.67 20.95
N LYS A 258 -5.56 -7.04 20.25
CA LYS A 258 -6.25 -8.32 20.49
C LYS A 258 -5.29 -9.53 20.63
N LEU A 259 -4.11 -9.43 20.03
CA LEU A 259 -3.16 -10.52 20.07
C LEU A 259 -2.37 -10.50 21.36
N ASP A 260 -1.92 -9.33 21.78
CA ASP A 260 -1.16 -9.21 23.01
C ASP A 260 -2.06 -9.60 24.15
N GLU A 261 -3.31 -9.16 24.04
CA GLU A 261 -4.38 -9.53 24.97
C GLU A 261 -4.42 -11.04 25.15
N PHE A 262 -4.68 -11.75 24.07
CA PHE A 262 -4.75 -13.18 24.15
C PHE A 262 -3.42 -13.79 24.59
N GLY A 263 -2.32 -13.39 23.97
CA GLY A 263 -1.03 -14.04 24.18
C GLY A 263 -0.47 -13.90 25.57
N GLU A 264 -0.61 -12.71 26.14
CA GLU A 264 -0.26 -12.46 27.53
C GLU A 264 -1.17 -13.29 28.44
N GLN A 265 -2.48 -13.31 28.14
CA GLN A 265 -3.46 -14.13 28.87
C GLN A 265 -3.09 -15.61 28.85
N LEU A 266 -2.41 -16.04 27.79
CA LEU A 266 -1.86 -17.38 27.77
C LEU A 266 -0.63 -17.48 28.63
N SER A 267 0.18 -16.42 28.67
CA SER A 267 1.36 -16.40 29.52
C SER A 267 0.98 -16.72 30.96
N LYS A 268 -0.17 -16.21 31.40
CA LYS A 268 -0.69 -16.47 32.74
C LYS A 268 -0.84 -17.97 33.00
N VAL A 269 -1.54 -18.67 32.10
CA VAL A 269 -1.77 -20.12 32.23
C VAL A 269 -0.48 -20.91 32.14
N ILE A 270 0.43 -20.42 31.31
CA ILE A 270 1.75 -21.02 31.16
C ILE A 270 2.56 -20.90 32.46
N SER A 271 2.37 -19.81 33.20
CA SER A 271 3.06 -19.62 34.48
C SER A 271 2.48 -20.49 35.57
N LEU A 272 1.14 -20.52 35.67
CA LEU A 272 0.48 -21.33 36.69
C LEU A 272 0.83 -22.79 36.54
N ILE A 273 0.55 -23.36 35.36
CA ILE A 273 0.90 -24.75 35.13
C ILE A 273 2.42 -24.92 34.94
N CYS A 274 3.17 -24.00 35.56
CA CYS A 274 4.61 -24.04 35.62
C CYS A 274 5.08 -24.21 37.07
N VAL A 275 4.69 -23.28 37.95
CA VAL A 275 4.97 -23.42 39.38
C VAL A 275 3.97 -24.38 40.00
N ALA A 276 3.13 -24.98 39.17
CA ALA A 276 2.29 -26.10 39.59
C ALA A 276 3.01 -27.42 39.32
N VAL A 277 3.89 -27.39 38.33
CA VAL A 277 4.76 -28.52 38.00
C VAL A 277 5.79 -28.72 39.11
N TRP A 278 6.42 -27.62 39.53
CA TRP A 278 7.42 -27.65 40.58
C TRP A 278 6.82 -27.95 41.91
N LEU A 279 5.67 -27.36 42.19
CA LEU A 279 5.00 -27.50 43.47
C LEU A 279 4.55 -28.93 43.78
N ILE A 280 3.97 -29.62 42.81
CA ILE A 280 3.46 -30.97 43.06
C ILE A 280 4.59 -31.98 43.33
N ASN A 281 5.80 -31.61 42.92
CA ASN A 281 6.98 -32.44 43.13
C ASN A 281 7.76 -32.03 44.39
N ILE A 282 7.10 -32.10 45.53
CA ILE A 282 7.71 -31.72 46.79
C ILE A 282 8.13 -32.95 47.60
N GLY A 283 7.36 -34.03 47.46
CA GLY A 283 7.69 -35.31 48.08
C GLY A 283 8.94 -35.92 47.46
N HIS A 284 9.38 -35.33 46.36
CA HIS A 284 10.58 -35.77 45.63
C HIS A 284 11.75 -34.84 45.82
N PHE A 285 11.74 -34.06 46.89
CA PHE A 285 12.85 -33.16 47.21
C PHE A 285 13.96 -33.84 48.05
N ASN A 286 13.71 -35.09 48.47
CA ASN A 286 14.65 -35.80 49.34
C ASN A 286 15.29 -37.05 48.75
N ASP A 287 14.97 -37.38 47.51
CA ASP A 287 15.51 -38.55 46.84
C ASP A 287 17.05 -38.61 46.91
N PRO A 288 17.63 -39.84 46.89
CA PRO A 288 19.09 -40.00 46.97
C PRO A 288 19.84 -39.29 45.85
N VAL A 289 19.26 -39.25 44.65
CA VAL A 289 19.86 -38.58 43.51
C VAL A 289 20.06 -37.08 43.77
N HIS A 290 19.13 -36.47 44.51
CA HIS A 290 19.23 -35.04 44.88
C HIS A 290 20.07 -34.84 46.10
N GLY A 291 20.89 -35.84 46.44
CA GLY A 291 21.68 -35.82 47.66
C GLY A 291 20.79 -35.72 48.89
N GLY A 292 19.49 -35.94 48.68
CA GLY A 292 18.49 -35.85 49.74
C GLY A 292 18.35 -34.48 50.36
N SER A 293 18.68 -33.44 49.59
CA SER A 293 18.59 -32.07 50.09
C SER A 293 17.39 -31.32 49.54
N TRP A 294 16.56 -30.81 50.47
CA TRP A 294 15.40 -30.01 50.14
C TRP A 294 15.81 -28.94 49.18
N ILE A 295 16.95 -28.30 49.48
CA ILE A 295 17.48 -27.22 48.66
C ILE A 295 17.76 -27.70 47.24
N ARG A 296 18.50 -28.80 47.11
CA ARG A 296 18.81 -29.35 45.78
C ARG A 296 17.56 -29.74 45.01
N GLY A 297 16.63 -30.41 45.70
CA GLY A 297 15.36 -30.76 45.11
C GLY A 297 14.67 -29.56 44.47
N ALA A 298 14.43 -28.53 45.29
CA ALA A 298 13.79 -27.31 44.82
C ALA A 298 14.56 -26.64 43.70
N ILE A 299 15.89 -26.76 43.73
CA ILE A 299 16.76 -26.22 42.67
C ILE A 299 16.47 -26.86 41.31
N TYR A 300 16.53 -28.18 41.28
CA TYR A 300 16.39 -28.94 40.04
C TYR A 300 15.03 -28.79 39.35
N TYR A 301 13.97 -28.89 40.13
CA TYR A 301 12.61 -28.77 39.61
C TYR A 301 12.27 -27.32 39.28
N PHE A 302 12.88 -26.41 40.02
CA PHE A 302 12.78 -24.99 39.75
C PHE A 302 13.39 -24.73 38.39
N LYS A 303 14.45 -25.45 38.05
CA LYS A 303 15.04 -25.37 36.72
C LYS A 303 14.08 -25.87 35.66
N ILE A 304 13.37 -26.96 35.94
CA ILE A 304 12.36 -27.46 35.03
C ILE A 304 11.28 -26.41 34.77
N ALA A 305 10.70 -25.86 35.83
CA ALA A 305 9.63 -24.87 35.71
C ALA A 305 10.08 -23.62 34.95
N VAL A 306 11.19 -23.04 35.37
CA VAL A 306 11.73 -21.84 34.76
C VAL A 306 12.13 -22.10 33.32
N ALA A 307 12.78 -23.24 33.06
CA ALA A 307 13.17 -23.61 31.70
C ALA A 307 11.97 -23.66 30.77
N LEU A 308 10.89 -24.24 31.27
CA LEU A 308 9.62 -24.25 30.57
C LEU A 308 9.19 -22.82 30.33
N ALA A 309 9.01 -22.07 31.42
CA ALA A 309 8.63 -20.67 31.33
C ALA A 309 9.37 -19.95 30.21
N VAL A 310 10.70 -20.09 30.21
CA VAL A 310 11.59 -19.44 29.25
C VAL A 310 11.39 -19.87 27.80
N ALA A 311 11.20 -21.16 27.55
CA ALA A 311 10.90 -21.58 26.19
C ALA A 311 9.44 -21.40 25.90
N ALA A 312 8.62 -22.31 26.41
CA ALA A 312 7.20 -22.37 26.10
C ALA A 312 6.41 -21.04 26.10
N ILE A 313 6.96 -19.99 26.72
CA ILE A 313 6.34 -18.65 26.69
C ILE A 313 6.52 -17.97 25.31
N PRO A 314 5.46 -17.29 24.79
CA PRO A 314 5.55 -16.60 23.48
C PRO A 314 6.58 -15.45 23.37
N GLU A 315 7.66 -15.70 22.63
CA GLU A 315 8.88 -14.85 22.63
C GLU A 315 8.72 -13.44 22.10
N GLY A 316 7.72 -13.22 21.26
CA GLY A 316 7.49 -11.90 20.67
C GLY A 316 6.33 -11.84 19.71
N LEU A 317 5.11 -11.91 20.25
CA LEU A 317 3.92 -11.86 19.45
C LEU A 317 3.84 -10.56 18.66
N PRO A 318 3.87 -9.39 19.33
CA PRO A 318 3.80 -8.15 18.54
C PRO A 318 4.80 -8.14 17.38
N ALA A 319 5.97 -8.78 17.58
CA ALA A 319 7.02 -8.89 16.56
C ALA A 319 6.54 -9.60 15.31
N VAL A 320 5.73 -10.64 15.49
CA VAL A 320 5.23 -11.48 14.38
C VAL A 320 4.28 -10.72 13.45
N ILE A 321 3.38 -9.93 14.03
CA ILE A 321 2.53 -9.05 13.24
C ILE A 321 3.42 -8.18 12.36
N THR A 322 4.35 -7.49 13.01
CA THR A 322 5.37 -6.70 12.37
C THR A 322 6.07 -7.47 11.26
N THR A 323 6.60 -8.65 11.55
CA THR A 323 7.23 -9.48 10.52
C THR A 323 6.26 -9.63 9.36
N CYS A 324 4.98 -9.72 9.68
CA CYS A 324 3.97 -9.94 8.66
C CYS A 324 3.81 -8.72 7.78
N LEU A 325 3.61 -7.56 8.38
CA LEU A 325 3.39 -6.33 7.62
C LEU A 325 4.62 -5.94 6.81
N ALA A 326 5.78 -5.91 7.47
CA ALA A 326 7.04 -5.76 6.77
C ALA A 326 7.07 -6.55 5.46
N LEU A 327 6.96 -7.87 5.57
CA LEU A 327 7.00 -8.75 4.42
C LEU A 327 5.88 -8.43 3.45
N GLY A 328 4.68 -8.21 3.98
CA GLY A 328 3.51 -7.91 3.17
C GLY A 328 3.66 -6.66 2.34
N THR A 329 4.02 -5.56 3.01
CA THR A 329 4.18 -4.25 2.38
C THR A 329 5.23 -4.28 1.29
N ARG A 330 6.21 -5.16 1.47
CA ARG A 330 7.24 -5.43 0.47
C ARG A 330 6.65 -5.97 -0.82
N ARG A 331 5.75 -6.94 -0.74
CA ARG A 331 5.12 -7.48 -1.94
C ARG A 331 4.18 -6.44 -2.52
N MET A 332 3.46 -5.77 -1.64
CA MET A 332 2.49 -4.80 -2.07
C MET A 332 3.17 -3.75 -2.90
N ALA A 333 4.16 -3.08 -2.30
CA ALA A 333 4.89 -2.01 -2.98
C ALA A 333 5.48 -2.48 -4.32
N LYS A 334 5.90 -3.75 -4.36
CA LYS A 334 6.47 -4.37 -5.56
C LYS A 334 5.41 -4.50 -6.64
N LYS A 335 4.14 -4.39 -6.24
CA LYS A 335 3.04 -4.54 -7.17
C LYS A 335 2.41 -3.19 -7.52
N ASN A 336 3.13 -2.09 -7.24
CA ASN A 336 2.65 -0.72 -7.50
C ASN A 336 1.62 -0.24 -6.48
N ALA A 337 1.64 -0.91 -5.33
CA ALA A 337 0.78 -0.59 -4.19
C ALA A 337 1.64 -0.11 -3.02
N ILE A 338 1.92 1.18 -3.03
CA ILE A 338 2.79 1.83 -2.05
C ILE A 338 2.03 2.16 -0.77
N VAL A 339 2.28 1.40 0.28
CA VAL A 339 1.51 1.60 1.48
C VAL A 339 2.22 2.51 2.47
N ARG A 340 1.67 3.71 2.61
CA ARG A 340 2.25 4.71 3.49
C ARG A 340 2.25 4.26 4.94
N SER A 341 1.07 3.98 5.49
CA SER A 341 0.96 3.61 6.89
C SER A 341 0.94 2.12 7.08
N LEU A 342 1.44 1.67 8.22
CA LEU A 342 1.38 0.24 8.53
C LEU A 342 0.00 -0.32 8.90
N PRO A 343 -0.70 0.24 9.91
CA PRO A 343 -2.06 -0.25 10.20
C PRO A 343 -2.92 -0.34 8.94
N SER A 344 -2.83 0.65 8.06
CA SER A 344 -3.52 0.62 6.77
C SER A 344 -3.67 -0.77 6.21
N VAL A 345 -2.57 -1.52 6.19
CA VAL A 345 -2.51 -2.83 5.51
C VAL A 345 -3.43 -3.86 6.15
N GLU A 346 -3.39 -3.93 7.47
CA GLU A 346 -4.25 -4.79 8.24
C GLU A 346 -5.67 -4.49 7.78
N THR A 347 -6.00 -3.20 7.76
CA THR A 347 -7.32 -2.74 7.38
C THR A 347 -7.72 -3.14 5.98
N LEU A 348 -6.85 -2.80 5.04
CA LEU A 348 -6.99 -3.15 3.66
C LEU A 348 -7.65 -4.52 3.42
N GLY A 349 -7.30 -5.51 4.23
CA GLY A 349 -7.93 -6.84 4.15
C GLY A 349 -9.44 -6.75 4.24
N CYS A 350 -9.91 -6.06 5.28
CA CYS A 350 -11.32 -5.79 5.46
C CYS A 350 -11.97 -4.78 4.51
N THR A 351 -11.32 -4.42 3.41
CA THR A 351 -11.96 -3.47 2.50
C THR A 351 -13.24 -4.08 2.00
N SER A 352 -14.33 -3.35 2.14
CA SER A 352 -15.65 -3.79 1.74
C SER A 352 -16.21 -2.94 0.62
N VAL A 353 -15.71 -1.71 0.48
CA VAL A 353 -16.14 -0.81 -0.60
C VAL A 353 -15.03 -0.02 -1.27
N ILE A 354 -15.07 0.08 -2.60
CA ILE A 354 -14.05 0.81 -3.31
C ILE A 354 -14.64 1.90 -4.20
N CYS A 355 -14.40 3.16 -3.84
CA CYS A 355 -14.80 4.29 -4.65
C CYS A 355 -13.71 4.74 -5.56
N SER A 356 -13.84 4.39 -6.84
CA SER A 356 -12.85 4.75 -7.82
C SER A 356 -13.34 5.81 -8.81
N ASP A 357 -12.41 6.61 -9.29
CA ASP A 357 -12.72 7.58 -10.33
C ASP A 357 -12.57 6.96 -11.71
N LYS A 358 -13.50 7.28 -12.60
CA LYS A 358 -13.46 6.71 -13.93
C LYS A 358 -12.21 7.19 -14.61
N THR A 359 -12.13 8.49 -14.85
CA THR A 359 -11.05 9.06 -15.66
C THR A 359 -9.62 8.75 -15.24
N GLY A 360 -8.95 7.89 -15.99
CA GLY A 360 -7.55 7.67 -15.75
C GLY A 360 -7.34 6.46 -14.88
N THR A 361 -8.18 6.28 -13.85
CA THR A 361 -8.05 5.13 -13.00
C THR A 361 -8.75 3.87 -13.48
N LEU A 362 -10.06 4.00 -13.73
CA LEU A 362 -10.81 2.97 -14.44
C LEU A 362 -10.58 2.99 -15.95
N THR A 363 -10.40 4.15 -16.58
CA THR A 363 -9.99 4.15 -17.97
C THR A 363 -8.55 4.54 -18.14
N THR A 364 -8.02 4.28 -19.32
CA THR A 364 -6.64 4.61 -19.68
C THR A 364 -6.31 6.09 -19.74
N ASN A 365 -7.28 6.94 -20.07
CA ASN A 365 -7.01 8.33 -20.40
C ASN A 365 -6.09 8.51 -21.64
N GLN A 366 -6.35 7.72 -22.66
CA GLN A 366 -5.66 7.85 -23.91
C GLN A 366 -6.61 8.59 -24.82
N MET A 367 -6.83 9.85 -24.48
CA MET A 367 -7.87 10.66 -25.10
C MET A 367 -7.74 10.73 -26.62
N SER A 368 -8.84 10.53 -27.34
CA SER A 368 -8.84 10.66 -28.81
C SER A 368 -10.24 11.00 -29.31
N VAL A 369 -10.36 11.43 -30.56
CA VAL A 369 -11.68 11.74 -31.13
C VAL A 369 -12.13 10.68 -32.11
N CYS A 370 -13.16 9.90 -31.78
CA CYS A 370 -13.70 8.87 -32.67
C CYS A 370 -14.52 9.31 -33.85
N LYS A 371 -15.51 10.14 -33.57
CA LYS A 371 -16.48 10.49 -34.58
C LYS A 371 -16.68 11.96 -34.43
N MET A 372 -17.28 12.57 -35.44
CA MET A 372 -17.72 13.95 -35.34
C MET A 372 -18.79 14.23 -36.34
N PHE A 373 -19.76 15.04 -35.99
CA PHE A 373 -20.77 15.32 -36.97
C PHE A 373 -21.11 16.79 -37.07
N ILE A 374 -21.61 17.18 -38.23
CA ILE A 374 -22.09 18.54 -38.40
C ILE A 374 -23.39 18.54 -39.16
N ILE A 375 -24.10 19.65 -39.13
CA ILE A 375 -25.37 19.67 -39.77
C ILE A 375 -25.03 19.60 -41.23
N ASP A 376 -25.89 18.98 -42.03
CA ASP A 376 -25.64 18.90 -43.47
C ASP A 376 -26.68 19.57 -44.38
N LYS A 377 -27.93 19.12 -44.31
CA LYS A 377 -29.03 19.80 -45.00
C LYS A 377 -30.21 19.95 -44.07
N VAL A 378 -30.86 21.10 -44.14
CA VAL A 378 -31.98 21.36 -43.27
C VAL A 378 -33.09 21.88 -44.13
N ASP A 379 -34.26 21.25 -44.01
CA ASP A 379 -35.46 21.64 -44.74
C ASP A 379 -36.72 21.54 -43.87
N GLY A 380 -36.85 22.47 -42.91
CA GLY A 380 -37.94 22.38 -41.93
C GLY A 380 -37.83 21.16 -41.03
N ASP A 381 -38.45 20.06 -41.44
CA ASP A 381 -38.39 18.77 -40.71
C ASP A 381 -37.24 17.87 -41.19
N PHE A 382 -36.95 17.94 -42.49
CA PHE A 382 -35.83 17.21 -43.03
C PHE A 382 -34.59 17.80 -42.37
N CYS A 383 -33.86 16.95 -41.68
CA CYS A 383 -32.59 17.35 -41.12
C CYS A 383 -31.56 16.25 -41.21
N SER A 384 -30.57 16.49 -42.05
CA SER A 384 -29.55 15.49 -42.30
C SER A 384 -28.30 15.87 -41.58
N LEU A 385 -27.63 14.85 -41.08
CA LEU A 385 -26.37 15.04 -40.42
C LEU A 385 -25.21 14.60 -41.26
N ASN A 386 -24.02 15.03 -40.85
CA ASN A 386 -22.82 14.60 -41.47
C ASN A 386 -22.01 13.91 -40.45
N GLU A 387 -22.14 12.59 -40.42
CA GLU A 387 -21.40 11.78 -39.48
C GLU A 387 -20.06 11.38 -40.12
N PHE A 388 -19.03 11.38 -39.29
CA PHE A 388 -17.68 11.04 -39.71
C PHE A 388 -17.02 10.12 -38.70
N SER A 389 -15.78 9.77 -39.00
CA SER A 389 -14.98 8.93 -38.13
C SER A 389 -13.55 9.29 -38.37
N ILE A 390 -12.77 9.31 -37.32
CA ILE A 390 -11.40 9.71 -37.41
C ILE A 390 -10.63 8.53 -36.88
N THR A 391 -9.79 7.91 -37.72
CA THR A 391 -9.05 6.72 -37.29
C THR A 391 -7.76 7.05 -36.51
N GLY A 392 -7.37 6.16 -35.59
CA GLY A 392 -6.12 6.31 -34.83
C GLY A 392 -6.29 6.78 -33.41
N SER A 393 -6.38 5.83 -32.49
CA SER A 393 -6.64 6.12 -31.08
C SER A 393 -5.45 6.82 -30.42
N THR A 394 -4.31 6.77 -31.10
CA THR A 394 -3.10 7.39 -30.60
C THR A 394 -3.25 8.92 -30.46
N TYR A 395 -2.30 9.54 -29.76
CA TYR A 395 -2.22 11.00 -29.76
C TYR A 395 -1.52 11.53 -31.01
N ALA A 396 -1.08 10.61 -31.86
CA ALA A 396 -0.31 10.90 -33.06
C ALA A 396 -1.26 11.24 -34.20
N PRO A 397 -0.86 12.22 -35.04
CA PRO A 397 -1.68 12.59 -36.18
C PRO A 397 -1.54 11.57 -37.33
N GLU A 398 -1.72 10.30 -37.03
CA GLU A 398 -1.52 9.26 -38.03
C GLU A 398 -2.82 8.53 -38.38
N GLY A 399 -3.83 9.30 -38.78
CA GLY A 399 -5.10 8.71 -39.14
C GLY A 399 -5.94 9.51 -40.12
N GLU A 400 -6.79 8.81 -40.84
CA GLU A 400 -7.64 9.41 -41.85
C GLU A 400 -9.05 9.68 -41.31
N VAL A 401 -9.74 10.62 -41.95
CA VAL A 401 -11.10 11.04 -41.61
C VAL A 401 -12.09 10.34 -42.55
N LEU A 402 -12.57 9.17 -42.18
CA LEU A 402 -13.51 8.43 -43.00
C LEU A 402 -14.90 8.99 -42.94
N LYS A 403 -15.58 8.86 -44.07
CA LYS A 403 -17.00 9.08 -44.16
C LYS A 403 -17.65 7.92 -44.88
N ASN A 404 -18.53 7.21 -44.20
CA ASN A 404 -19.19 6.03 -44.74
C ASN A 404 -18.23 4.88 -45.01
N ASP A 405 -17.10 4.91 -44.31
CA ASP A 405 -16.08 3.89 -44.44
C ASP A 405 -15.19 4.20 -45.64
N LYS A 406 -15.24 5.45 -46.10
CA LYS A 406 -14.42 5.90 -47.21
C LYS A 406 -13.75 7.18 -46.73
N PRO A 407 -12.44 7.32 -46.98
CA PRO A 407 -11.73 8.49 -46.46
C PRO A 407 -12.04 9.71 -47.30
N ILE A 408 -12.18 10.87 -46.67
CA ILE A 408 -12.48 12.09 -47.42
C ILE A 408 -11.47 13.15 -47.09
N ARG A 409 -11.69 14.35 -47.61
CA ARG A 409 -10.84 15.46 -47.25
C ARG A 409 -11.58 16.51 -46.45
N SER A 410 -11.30 16.49 -45.15
CA SER A 410 -11.90 17.40 -44.19
C SER A 410 -12.13 18.80 -44.78
N GLY A 411 -11.14 19.32 -45.49
CA GLY A 411 -11.21 20.66 -46.06
C GLY A 411 -12.39 20.94 -46.98
N GLN A 412 -12.81 19.93 -47.74
CA GLN A 412 -13.90 20.09 -48.68
C GLN A 412 -15.28 20.20 -48.02
N PHE A 413 -15.30 20.41 -46.71
CA PHE A 413 -16.53 20.67 -46.00
C PHE A 413 -16.33 21.88 -45.13
N ASP A 414 -17.04 22.93 -45.49
CA ASP A 414 -16.96 24.20 -44.76
C ASP A 414 -17.35 24.02 -43.31
N GLY A 415 -18.34 23.17 -43.06
CA GLY A 415 -18.72 22.82 -41.70
C GLY A 415 -17.51 22.36 -40.92
N LEU A 416 -16.74 21.45 -41.51
CA LEU A 416 -15.58 20.89 -40.82
C LEU A 416 -14.44 21.86 -40.72
N VAL A 417 -14.41 22.85 -41.63
CA VAL A 417 -13.43 23.93 -41.52
C VAL A 417 -13.63 24.72 -40.24
N GLU A 418 -14.77 25.41 -40.14
CA GLU A 418 -15.13 26.15 -38.93
C GLU A 418 -14.95 25.26 -37.70
N LEU A 419 -15.39 24.01 -37.83
CA LEU A 419 -15.25 23.01 -36.79
C LEU A 419 -13.81 22.97 -36.33
N ALA A 420 -12.92 22.58 -37.24
CA ALA A 420 -11.53 22.33 -36.90
C ALA A 420 -10.87 23.58 -36.33
N THR A 421 -11.25 24.74 -36.86
CA THR A 421 -10.78 26.01 -36.31
C THR A 421 -11.19 26.13 -34.85
N ILE A 422 -12.49 26.04 -34.55
CA ILE A 422 -12.98 26.13 -33.16
C ILE A 422 -12.10 25.32 -32.25
N CYS A 423 -11.81 24.09 -32.66
CA CYS A 423 -11.01 23.18 -31.85
C CYS A 423 -9.67 23.75 -31.45
N ALA A 424 -8.87 24.11 -32.47
CA ALA A 424 -7.51 24.58 -32.26
C ALA A 424 -7.50 25.92 -31.56
N LEU A 425 -8.49 26.76 -31.83
CA LEU A 425 -8.57 28.07 -31.21
C LEU A 425 -9.29 28.05 -29.87
N CYS A 426 -9.90 26.93 -29.50
CA CYS A 426 -10.42 26.73 -28.12
C CYS A 426 -9.51 25.84 -27.31
N ASN A 427 -8.32 25.61 -27.84
CA ASN A 427 -7.37 24.72 -27.26
C ASN A 427 -6.32 25.51 -26.51
N ASP A 428 -6.02 25.07 -25.29
CA ASP A 428 -4.96 25.67 -24.46
C ASP A 428 -3.72 24.81 -24.51
N SER A 429 -3.91 23.51 -24.70
CA SER A 429 -2.79 22.57 -24.77
C SER A 429 -2.31 22.46 -26.21
N SER A 430 -1.35 21.59 -26.46
CA SER A 430 -0.91 21.26 -27.81
C SER A 430 -0.13 19.95 -27.79
N LEU A 431 0.63 19.68 -28.84
CA LEU A 431 1.45 18.47 -28.87
C LEU A 431 2.95 18.76 -28.82
N ASP A 432 3.74 17.70 -28.70
CA ASP A 432 5.19 17.80 -28.72
C ASP A 432 5.79 16.46 -29.08
N PHE A 433 6.59 16.45 -30.14
CA PHE A 433 7.30 15.24 -30.52
C PHE A 433 8.44 15.03 -29.54
N ASN A 434 8.55 13.81 -29.04
CA ASN A 434 9.65 13.46 -28.18
C ASN A 434 10.62 12.59 -28.94
N GLU A 435 11.90 12.96 -28.93
CA GLU A 435 12.92 12.24 -29.69
C GLU A 435 13.33 10.95 -29.01
N THR A 436 13.56 11.03 -27.70
CA THR A 436 14.02 9.88 -26.88
C THR A 436 13.13 8.66 -27.12
N LYS A 437 11.92 8.72 -26.57
CA LYS A 437 10.94 7.63 -26.66
C LYS A 437 10.47 7.44 -28.10
N GLY A 438 10.68 8.46 -28.92
CA GLY A 438 10.40 8.38 -30.33
C GLY A 438 8.92 8.45 -30.62
N VAL A 439 8.18 9.13 -29.74
CA VAL A 439 6.74 9.34 -29.92
C VAL A 439 6.30 10.74 -29.51
N TYR A 440 5.11 11.16 -29.94
CA TYR A 440 4.56 12.46 -29.59
C TYR A 440 3.84 12.33 -28.27
N GLU A 441 3.72 13.44 -27.54
CA GLU A 441 2.99 13.43 -26.28
C GLU A 441 2.26 14.73 -26.06
N LYS A 442 1.15 14.64 -25.32
CA LYS A 442 0.33 15.79 -24.98
C LYS A 442 1.14 16.83 -24.23
N VAL A 443 0.66 18.07 -24.27
CA VAL A 443 1.23 19.17 -23.49
C VAL A 443 0.06 20.03 -22.97
N GLY A 444 -0.55 19.55 -21.87
CA GLY A 444 -1.71 20.18 -21.27
C GLY A 444 -2.79 19.14 -21.00
N GLU A 445 -4.03 19.60 -20.86
CA GLU A 445 -5.15 18.68 -20.62
C GLU A 445 -5.41 17.78 -21.82
N ALA A 446 -5.25 16.48 -21.59
CA ALA A 446 -5.50 15.43 -22.57
C ALA A 446 -6.84 15.56 -23.34
N THR A 447 -7.90 15.97 -22.66
CA THR A 447 -9.19 16.19 -23.32
C THR A 447 -8.87 17.02 -24.52
N GLU A 448 -8.21 18.15 -24.29
CA GLU A 448 -7.98 19.14 -25.33
C GLU A 448 -6.98 18.65 -26.35
N THR A 449 -5.89 18.06 -25.88
CA THR A 449 -4.87 17.57 -26.80
C THR A 449 -5.50 16.71 -27.89
N ALA A 450 -6.29 15.71 -27.50
CA ALA A 450 -6.99 14.87 -28.48
C ALA A 450 -7.61 15.73 -29.59
N LEU A 451 -7.98 16.96 -29.23
CA LEU A 451 -8.49 17.94 -30.19
C LEU A 451 -7.40 18.49 -31.11
N THR A 452 -6.24 18.77 -30.53
CA THR A 452 -5.09 19.20 -31.29
C THR A 452 -4.83 18.13 -32.33
N THR A 453 -4.82 16.87 -31.87
CA THR A 453 -4.58 15.73 -32.76
C THR A 453 -5.58 15.71 -33.90
N LEU A 454 -6.87 15.79 -33.58
CA LEU A 454 -7.90 15.82 -34.61
C LEU A 454 -7.65 16.88 -35.70
N VAL A 455 -7.34 18.09 -35.27
CA VAL A 455 -7.08 19.19 -36.19
C VAL A 455 -5.93 18.82 -37.10
N GLU A 456 -4.82 18.40 -36.50
CA GLU A 456 -3.68 17.95 -37.30
C GLU A 456 -4.02 16.80 -38.24
N LYS A 457 -4.94 15.92 -37.85
CA LYS A 457 -5.42 14.86 -38.74
C LYS A 457 -6.33 15.40 -39.87
N MET A 458 -6.99 16.51 -39.62
CA MET A 458 -7.96 16.97 -40.58
C MET A 458 -7.31 17.74 -41.71
N ASN A 459 -6.37 18.60 -41.34
CA ASN A 459 -5.65 19.41 -42.30
C ASN A 459 -6.64 20.00 -43.27
N VAL A 460 -7.37 21.00 -42.78
CA VAL A 460 -8.45 21.62 -43.54
C VAL A 460 -7.96 22.80 -44.41
N PHE A 461 -6.65 22.87 -44.63
CA PHE A 461 -6.03 23.90 -45.46
C PHE A 461 -4.97 23.32 -46.38
N ASN A 462 -4.99 22.00 -46.52
CA ASN A 462 -4.10 21.26 -47.42
C ASN A 462 -2.61 21.58 -47.30
N THR A 463 -2.22 22.20 -46.19
CA THR A 463 -0.84 22.60 -45.99
C THR A 463 0.07 21.36 -45.98
N GLU A 464 1.36 21.57 -46.27
CA GLU A 464 2.33 20.49 -46.41
C GLU A 464 2.69 19.78 -45.11
N VAL A 465 3.29 18.60 -45.23
CA VAL A 465 3.50 17.74 -44.07
C VAL A 465 4.73 16.82 -44.19
N ARG A 466 4.80 16.09 -45.29
CA ARG A 466 5.85 15.10 -45.55
C ARG A 466 7.26 15.70 -45.60
N ASN A 467 7.35 16.94 -46.08
CA ASN A 467 8.60 17.70 -46.14
C ASN A 467 8.96 18.36 -44.82
N LEU A 468 8.02 18.33 -43.87
CA LEU A 468 8.22 18.89 -42.53
C LEU A 468 8.69 17.81 -41.56
N SER A 469 9.52 18.21 -40.60
CA SER A 469 10.03 17.29 -39.58
C SER A 469 8.90 16.79 -38.68
N LYS A 470 9.09 15.61 -38.09
CA LYS A 470 8.11 15.04 -37.17
C LYS A 470 7.90 15.92 -35.93
N VAL A 471 8.71 16.97 -35.81
CA VAL A 471 8.61 17.90 -34.70
C VAL A 471 7.68 19.07 -35.05
N GLU A 472 7.83 19.60 -36.26
CA GLU A 472 6.96 20.68 -36.73
C GLU A 472 5.62 20.11 -37.10
N ARG A 473 5.64 18.88 -37.62
CA ARG A 473 4.46 18.16 -38.07
C ARG A 473 3.38 18.20 -37.00
N ALA A 474 3.81 18.06 -35.75
CA ALA A 474 2.92 17.99 -34.60
C ALA A 474 2.06 19.24 -34.38
N ASN A 475 2.60 20.42 -34.70
CA ASN A 475 1.82 21.66 -34.59
C ASN A 475 1.58 22.40 -35.91
N ALA A 476 1.65 21.64 -37.00
CA ALA A 476 1.53 22.17 -38.35
C ALA A 476 0.25 22.94 -38.59
N CYS A 477 -0.86 22.23 -38.81
CA CYS A 477 -2.15 22.84 -39.15
C CYS A 477 -2.59 23.84 -38.11
N ASN A 478 -2.22 23.56 -36.86
CA ASN A 478 -2.56 24.40 -35.73
C ASN A 478 -2.00 25.79 -35.88
N SER A 479 -0.68 25.88 -35.98
CA SER A 479 -0.03 27.16 -36.24
C SER A 479 -0.79 27.88 -37.34
N VAL A 480 -1.04 27.18 -38.44
CA VAL A 480 -1.74 27.72 -39.61
C VAL A 480 -3.06 28.39 -39.26
N ILE A 481 -3.82 27.74 -38.37
CA ILE A 481 -5.11 28.25 -37.96
C ILE A 481 -4.94 29.49 -37.11
N ARG A 482 -3.88 29.51 -36.30
CA ARG A 482 -3.54 30.71 -35.54
C ARG A 482 -3.21 31.86 -36.50
N GLN A 483 -2.73 31.53 -37.70
CA GLN A 483 -2.37 32.54 -38.69
C GLN A 483 -3.59 33.28 -39.18
N LEU A 484 -4.75 32.66 -39.01
CA LEU A 484 -5.99 33.25 -39.48
C LEU A 484 -6.66 34.09 -38.41
N MET A 485 -6.42 33.70 -37.15
CA MET A 485 -7.11 34.35 -36.04
C MET A 485 -6.19 34.63 -34.85
N LYS A 486 -6.37 35.81 -34.26
CA LYS A 486 -5.57 36.26 -33.11
C LYS A 486 -6.31 36.06 -31.78
N LYS A 487 -5.84 35.12 -30.97
CA LYS A 487 -6.47 34.83 -29.68
C LYS A 487 -6.29 35.99 -28.70
N GLU A 488 -7.30 36.85 -28.62
CA GLU A 488 -7.28 38.01 -27.74
C GLU A 488 -7.29 37.59 -26.27
N PHE A 489 -8.40 37.01 -25.84
CA PHE A 489 -8.55 36.55 -24.48
C PHE A 489 -9.39 35.29 -24.48
N THR A 490 -9.48 34.65 -23.33
CA THR A 490 -10.27 33.43 -23.22
C THR A 490 -11.17 33.55 -22.00
N LEU A 491 -12.32 32.90 -22.07
CA LEU A 491 -13.19 32.76 -20.92
C LEU A 491 -13.32 31.27 -20.64
N GLU A 492 -12.36 30.71 -19.88
CA GLU A 492 -12.29 29.26 -19.66
C GLU A 492 -13.46 28.66 -18.88
N PHE A 493 -13.40 27.33 -18.73
CA PHE A 493 -14.51 26.52 -18.22
C PHE A 493 -15.12 27.00 -16.91
N SER A 494 -16.25 26.39 -16.56
CA SER A 494 -16.93 26.61 -15.30
C SER A 494 -18.09 25.62 -15.22
N ARG A 495 -17.98 24.67 -14.29
CA ARG A 495 -18.96 23.58 -14.14
C ARG A 495 -20.44 24.05 -14.06
N ASP A 496 -20.67 25.36 -14.17
CA ASP A 496 -22.01 25.87 -14.01
C ASP A 496 -22.70 26.02 -15.35
N ARG A 497 -21.94 26.50 -16.34
CA ARG A 497 -22.44 26.70 -17.69
C ARG A 497 -21.92 25.60 -18.60
N LYS A 498 -20.78 25.01 -18.21
CA LYS A 498 -20.24 23.84 -18.87
C LYS A 498 -19.68 24.16 -20.24
N SER A 499 -18.77 25.12 -20.30
CA SER A 499 -18.18 25.48 -21.57
C SER A 499 -17.09 26.50 -21.38
N MET A 500 -16.44 26.84 -22.49
CA MET A 500 -15.43 27.87 -22.51
C MET A 500 -15.52 28.61 -23.84
N SER A 501 -15.09 29.88 -23.87
CA SER A 501 -15.02 30.66 -25.13
C SER A 501 -13.72 31.43 -25.30
N VAL A 502 -13.35 31.63 -26.56
CA VAL A 502 -12.18 32.42 -26.92
C VAL A 502 -12.63 33.60 -27.80
N TYR A 503 -11.75 34.58 -28.00
CA TYR A 503 -12.09 35.77 -28.77
C TYR A 503 -10.96 36.09 -29.75
N CYS A 504 -11.32 36.29 -31.02
CA CYS A 504 -10.27 36.46 -32.02
C CYS A 504 -10.55 37.55 -33.03
N SER A 505 -9.47 38.07 -33.60
CA SER A 505 -9.54 39.03 -34.69
C SER A 505 -8.86 38.41 -35.93
N PRO A 506 -9.30 38.80 -37.14
CA PRO A 506 -8.69 38.25 -38.36
C PRO A 506 -7.19 38.52 -38.47
N ALA A 507 -6.54 38.02 -39.51
CA ALA A 507 -5.11 38.27 -39.72
C ALA A 507 -4.86 39.52 -40.57
N LYS A 508 -5.19 39.45 -41.85
CA LYS A 508 -5.00 40.58 -42.76
C LYS A 508 -6.12 41.63 -42.58
N SER A 509 -6.12 42.28 -41.40
CA SER A 509 -7.14 43.29 -41.05
C SER A 509 -6.72 44.20 -39.88
N SER A 510 -6.68 45.52 -40.12
CA SER A 510 -6.26 46.52 -39.12
C SER A 510 -7.44 47.22 -38.44
N ARG A 511 -8.51 47.48 -39.19
CA ARG A 511 -9.71 48.18 -38.68
C ARG A 511 -10.92 47.25 -38.49
N ALA A 512 -10.66 46.00 -38.10
CA ALA A 512 -11.68 44.95 -38.01
C ALA A 512 -12.80 45.24 -37.00
N ALA A 513 -13.93 45.71 -37.52
CA ALA A 513 -15.13 45.96 -36.73
C ALA A 513 -16.00 44.69 -36.66
N VAL A 514 -16.47 44.26 -37.83
CA VAL A 514 -17.31 43.05 -37.96
C VAL A 514 -16.48 41.88 -38.55
N GLY A 515 -15.28 41.68 -38.00
CA GLY A 515 -14.38 40.61 -38.45
C GLY A 515 -13.91 39.75 -37.30
N ASN A 516 -14.13 40.24 -36.08
CA ASN A 516 -13.74 39.53 -34.88
C ASN A 516 -14.86 38.62 -34.42
N LYS A 517 -14.51 37.37 -34.10
CA LYS A 517 -15.51 36.35 -33.76
C LYS A 517 -15.31 35.79 -32.33
N MET A 518 -16.24 34.94 -31.89
CA MET A 518 -16.12 34.26 -30.60
C MET A 518 -16.35 32.76 -30.78
N PHE A 519 -15.41 31.96 -30.27
CA PHE A 519 -15.43 30.49 -30.38
C PHE A 519 -15.82 29.79 -29.09
N VAL A 520 -16.83 28.96 -29.17
CA VAL A 520 -17.42 28.35 -28.01
C VAL A 520 -17.26 26.85 -28.15
N LYS A 521 -16.75 26.24 -27.09
CA LYS A 521 -16.62 24.79 -26.95
C LYS A 521 -17.13 24.43 -25.56
N GLY A 522 -18.15 23.57 -25.49
CA GLY A 522 -18.60 23.07 -24.17
C GLY A 522 -19.47 21.84 -24.27
N ALA A 523 -19.90 21.31 -23.13
CA ALA A 523 -20.83 20.19 -23.13
C ALA A 523 -22.07 20.57 -23.93
N PRO A 524 -22.61 19.62 -24.74
CA PRO A 524 -23.67 19.87 -25.72
C PRO A 524 -24.96 20.21 -25.07
N GLU A 525 -25.42 19.35 -24.17
CA GLU A 525 -26.49 19.71 -23.25
C GLU A 525 -26.80 21.24 -23.40
N GLY A 526 -25.93 22.05 -22.78
CA GLY A 526 -26.05 23.48 -22.68
C GLY A 526 -25.70 24.21 -23.96
N VAL A 527 -24.50 24.01 -24.51
CA VAL A 527 -24.06 24.77 -25.70
C VAL A 527 -25.17 24.91 -26.75
N ILE A 528 -25.95 23.84 -26.89
CA ILE A 528 -27.05 23.74 -27.86
C ILE A 528 -28.20 24.71 -27.56
N ASP A 529 -28.66 24.71 -26.31
CA ASP A 529 -29.78 25.56 -25.90
C ASP A 529 -29.52 27.05 -26.10
N ARG A 530 -28.24 27.44 -26.07
CA ARG A 530 -27.84 28.84 -26.32
C ARG A 530 -27.48 29.11 -27.79
N CYS A 531 -27.73 28.12 -28.65
CA CYS A 531 -27.57 28.28 -30.10
C CYS A 531 -28.92 28.62 -30.67
N ASN A 532 -28.92 29.68 -31.47
CA ASN A 532 -30.12 30.14 -32.20
C ASN A 532 -29.99 29.90 -33.70
N TYR A 533 -28.77 29.60 -34.15
CA TYR A 533 -28.55 29.35 -35.56
C TYR A 533 -27.82 28.06 -35.73
N VAL A 534 -27.86 27.54 -36.94
CA VAL A 534 -27.19 26.32 -37.27
C VAL A 534 -26.37 26.67 -38.48
N ARG A 535 -25.09 26.35 -38.42
CA ARG A 535 -24.24 26.57 -39.58
C ARG A 535 -24.30 25.38 -40.53
N VAL A 536 -24.75 25.65 -41.75
CA VAL A 536 -24.91 24.66 -42.81
C VAL A 536 -23.86 25.02 -43.84
N GLY A 537 -22.68 24.40 -43.74
CA GLY A 537 -21.55 24.77 -44.60
C GLY A 537 -21.01 26.14 -44.24
N THR A 538 -21.26 27.14 -45.09
CA THR A 538 -20.93 28.53 -44.77
C THR A 538 -22.16 29.33 -44.53
N THR A 539 -23.29 28.67 -44.39
CA THR A 539 -24.53 29.38 -44.19
C THR A 539 -25.00 29.28 -42.73
N ARG A 540 -26.11 29.96 -42.43
CA ARG A 540 -26.71 29.95 -41.12
C ARG A 540 -28.21 29.97 -41.35
N VAL A 541 -28.94 28.95 -40.89
CA VAL A 541 -30.40 29.02 -40.90
C VAL A 541 -30.92 29.01 -39.46
N PRO A 542 -32.17 29.42 -39.25
CA PRO A 542 -32.64 29.52 -37.87
C PRO A 542 -32.62 28.16 -37.22
N MET A 543 -32.26 28.11 -35.93
CA MET A 543 -32.18 26.86 -35.18
C MET A 543 -33.58 26.41 -34.77
N THR A 544 -34.18 25.54 -35.59
CA THR A 544 -35.51 24.99 -35.33
C THR A 544 -35.48 23.82 -34.33
N GLY A 545 -36.68 23.48 -33.88
CA GLY A 545 -36.89 22.42 -32.91
C GLY A 545 -36.34 21.13 -33.44
N PRO A 546 -36.95 20.61 -34.51
CA PRO A 546 -36.53 19.38 -35.18
C PRO A 546 -35.02 19.17 -35.35
N VAL A 547 -34.32 20.20 -35.80
CA VAL A 547 -32.86 20.17 -35.88
C VAL A 547 -32.30 19.85 -34.51
N LYS A 548 -32.48 20.76 -33.56
CA LYS A 548 -32.08 20.48 -32.19
C LYS A 548 -32.42 19.05 -31.80
N GLU A 549 -33.63 18.60 -32.14
CA GLU A 549 -34.08 17.26 -31.79
C GLU A 549 -33.18 16.14 -32.27
N LYS A 550 -32.73 16.28 -33.51
CA LYS A 550 -31.89 15.27 -34.14
C LYS A 550 -30.49 15.38 -33.58
N ILE A 551 -29.88 16.56 -33.69
CA ILE A 551 -28.57 16.78 -33.11
C ILE A 551 -28.46 15.90 -31.84
N LEU A 552 -29.41 16.14 -30.95
CA LEU A 552 -29.40 15.48 -29.66
C LEU A 552 -29.54 13.99 -29.77
N SER A 553 -30.34 13.51 -30.72
CA SER A 553 -30.55 12.08 -30.80
C SER A 553 -29.22 11.37 -31.01
N VAL A 554 -28.41 11.95 -31.91
CA VAL A 554 -27.11 11.38 -32.20
C VAL A 554 -26.22 11.42 -30.98
N ILE A 555 -26.16 12.59 -30.33
CA ILE A 555 -25.30 12.74 -29.16
C ILE A 555 -25.56 11.61 -28.17
N LYS A 556 -26.84 11.30 -27.93
CA LYS A 556 -27.27 10.19 -27.06
C LYS A 556 -26.83 8.83 -27.61
N GLU A 557 -27.00 8.60 -28.92
CA GLU A 557 -26.60 7.34 -29.58
C GLU A 557 -25.16 7.06 -29.24
N TRP A 558 -24.32 8.08 -29.38
CA TRP A 558 -22.88 8.00 -29.17
C TRP A 558 -22.54 7.79 -27.74
N GLY A 559 -23.00 8.70 -26.87
CA GLY A 559 -22.71 8.61 -25.46
C GLY A 559 -23.26 7.33 -24.82
N THR A 560 -24.45 6.92 -25.24
CA THR A 560 -25.12 5.75 -24.69
C THR A 560 -24.69 4.50 -25.40
N GLY A 561 -23.94 4.67 -26.49
CA GLY A 561 -23.55 3.58 -27.39
C GLY A 561 -22.50 2.68 -26.78
N ARG A 562 -22.12 1.64 -27.53
CA ARG A 562 -21.09 0.73 -27.10
C ARG A 562 -19.71 1.37 -27.25
N ASP A 563 -19.68 2.68 -27.22
CA ASP A 563 -18.45 3.43 -27.35
C ASP A 563 -18.33 4.32 -26.13
N THR A 564 -19.48 4.64 -25.54
CA THR A 564 -19.54 5.41 -24.29
C THR A 564 -18.73 6.68 -24.47
N LEU A 565 -19.10 7.45 -25.48
CA LEU A 565 -18.29 8.54 -25.93
C LEU A 565 -18.58 9.84 -25.18
N ARG A 566 -17.53 10.40 -24.60
CA ARG A 566 -17.58 11.76 -24.10
C ARG A 566 -17.58 12.71 -25.32
N CYS A 567 -18.70 13.37 -25.58
CA CYS A 567 -18.71 14.31 -26.70
C CYS A 567 -19.05 15.76 -26.36
N LEU A 568 -18.42 16.73 -27.03
CA LEU A 568 -18.66 18.15 -26.77
C LEU A 568 -19.24 18.70 -28.01
N ALA A 569 -19.89 19.86 -27.90
CA ALA A 569 -20.46 20.56 -29.02
C ALA A 569 -19.69 21.85 -29.24
N LEU A 570 -19.39 22.15 -30.49
CA LEU A 570 -18.63 23.35 -30.83
C LEU A 570 -19.51 24.27 -31.58
N ALA A 571 -19.35 25.58 -31.33
CA ALA A 571 -20.20 26.64 -31.89
C ALA A 571 -19.45 27.98 -31.93
N THR A 572 -19.96 28.96 -32.69
CA THR A 572 -19.43 30.34 -32.64
C THR A 572 -20.47 31.40 -32.39
N ARG A 573 -19.97 32.62 -32.19
CA ARG A 573 -20.80 33.81 -32.03
C ARG A 573 -20.35 34.85 -33.03
N ASP A 574 -21.15 35.04 -34.08
CA ASP A 574 -20.79 35.92 -35.20
C ASP A 574 -21.00 37.39 -34.86
N THR A 575 -21.78 37.61 -33.81
CA THR A 575 -22.17 38.93 -33.37
C THR A 575 -21.61 39.20 -31.98
N PRO A 576 -20.27 39.13 -31.83
CA PRO A 576 -19.70 39.20 -30.49
C PRO A 576 -19.77 40.62 -29.93
N PRO A 577 -20.04 40.78 -28.63
CA PRO A 577 -20.18 42.12 -28.07
C PRO A 577 -18.85 42.86 -28.21
N LYS A 578 -18.92 44.20 -28.19
CA LYS A 578 -17.75 45.04 -28.39
C LYS A 578 -16.54 44.49 -27.64
N ARG A 579 -15.39 44.51 -28.31
CA ARG A 579 -14.13 44.04 -27.74
C ARG A 579 -13.90 44.58 -26.31
N GLU A 580 -14.73 45.53 -25.92
CA GLU A 580 -14.64 46.19 -24.62
C GLU A 580 -15.82 45.86 -23.67
N GLU A 581 -17.02 45.71 -24.22
CA GLU A 581 -18.26 45.42 -23.44
C GLU A 581 -18.09 44.25 -22.43
N MET A 582 -17.05 43.45 -22.63
CA MET A 582 -16.77 42.34 -21.74
C MET A 582 -15.89 42.75 -20.56
N VAL A 583 -16.39 42.46 -19.36
CA VAL A 583 -15.61 42.62 -18.15
C VAL A 583 -14.95 41.27 -17.88
N LEU A 584 -13.68 41.15 -18.27
CA LEU A 584 -12.94 39.88 -18.16
C LEU A 584 -12.47 39.59 -16.72
N ASP A 585 -13.43 39.36 -15.82
CA ASP A 585 -13.13 39.06 -14.41
C ASP A 585 -14.18 38.15 -13.78
N ASP A 586 -15.45 38.46 -14.02
CA ASP A 586 -16.56 37.73 -13.43
C ASP A 586 -17.09 36.60 -14.30
N SER A 587 -16.93 35.38 -13.80
CA SER A 587 -17.41 34.15 -14.45
C SER A 587 -18.86 34.25 -14.90
N SER A 588 -19.73 34.69 -13.98
CA SER A 588 -21.16 34.82 -14.23
C SER A 588 -21.44 35.66 -15.49
N ARG A 589 -20.67 36.71 -15.68
CA ARG A 589 -20.80 37.51 -16.89
C ARG A 589 -20.35 36.78 -18.14
N PHE A 590 -19.43 35.83 -18.00
CA PHE A 590 -18.87 35.16 -19.18
C PHE A 590 -19.91 34.37 -19.98
N MET A 591 -20.91 33.82 -19.29
CA MET A 591 -21.97 33.06 -19.96
C MET A 591 -22.89 33.99 -20.71
N GLU A 592 -23.07 35.18 -20.15
CA GLU A 592 -23.81 36.25 -20.79
C GLU A 592 -23.28 36.52 -22.19
N TYR A 593 -21.95 36.59 -22.36
CA TYR A 593 -21.35 36.86 -23.68
C TYR A 593 -21.42 35.66 -24.63
N GLU A 594 -21.46 34.46 -24.06
CA GLU A 594 -21.57 33.20 -24.80
C GLU A 594 -23.03 32.83 -25.10
N THR A 595 -23.79 33.75 -25.71
CA THR A 595 -25.16 33.44 -26.12
C THR A 595 -25.33 33.87 -27.57
N ASP A 596 -26.48 33.55 -28.17
CA ASP A 596 -26.73 33.91 -29.58
C ASP A 596 -25.67 33.25 -30.46
N LEU A 597 -25.68 31.93 -30.48
CA LEU A 597 -24.62 31.19 -31.13
C LEU A 597 -25.11 30.43 -32.34
N THR A 598 -24.14 30.01 -33.13
CA THR A 598 -24.34 29.10 -34.24
C THR A 598 -23.72 27.75 -33.90
N PHE A 599 -24.54 26.70 -33.92
CA PHE A 599 -24.05 25.35 -33.74
C PHE A 599 -23.34 24.90 -34.98
N VAL A 600 -22.03 24.72 -34.86
CA VAL A 600 -21.23 24.16 -35.92
C VAL A 600 -21.31 22.62 -35.89
N GLY A 601 -20.58 21.97 -34.99
CA GLY A 601 -20.62 20.53 -34.93
C GLY A 601 -20.37 19.92 -33.55
N VAL A 602 -20.40 18.61 -33.53
CA VAL A 602 -20.21 17.91 -32.31
C VAL A 602 -19.08 16.92 -32.57
N VAL A 603 -18.02 17.00 -31.78
CA VAL A 603 -16.98 15.97 -31.79
C VAL A 603 -17.45 14.96 -30.79
N GLY A 604 -17.01 13.74 -30.95
CA GLY A 604 -17.26 12.72 -29.95
C GLY A 604 -15.99 11.95 -29.62
N MET A 605 -15.65 11.84 -28.34
CA MET A 605 -14.34 11.27 -28.01
C MET A 605 -14.26 10.22 -26.97
N LEU A 606 -13.20 9.43 -27.07
CA LEU A 606 -13.06 8.20 -26.30
C LEU A 606 -11.85 8.19 -25.35
N ASP A 607 -11.99 7.46 -24.24
CA ASP A 607 -10.86 7.06 -23.41
C ASP A 607 -11.17 5.71 -22.79
N PRO A 608 -10.80 4.64 -23.50
CA PRO A 608 -11.20 3.29 -23.19
C PRO A 608 -10.94 2.92 -21.73
N PRO A 609 -11.55 1.83 -21.25
CA PRO A 609 -11.33 1.39 -19.90
C PRO A 609 -10.13 0.45 -19.93
N ARG A 610 -9.25 0.49 -18.91
CA ARG A 610 -8.10 -0.42 -18.85
C ARG A 610 -8.55 -1.84 -19.08
N LYS A 611 -7.78 -2.61 -19.86
CA LYS A 611 -8.05 -4.03 -20.13
C LYS A 611 -8.44 -4.88 -18.89
N GLU A 612 -7.56 -4.92 -17.90
CA GLU A 612 -7.74 -5.69 -16.68
C GLU A 612 -9.05 -5.38 -15.94
N VAL A 613 -9.51 -4.14 -16.05
CA VAL A 613 -10.60 -3.60 -15.22
C VAL A 613 -11.78 -4.53 -15.09
N MET A 614 -12.44 -4.81 -16.22
CA MET A 614 -13.54 -5.74 -16.27
C MET A 614 -13.30 -6.85 -15.27
N GLY A 615 -12.23 -7.59 -15.50
CA GLY A 615 -11.83 -8.70 -14.64
C GLY A 615 -11.67 -8.37 -13.17
N SER A 616 -10.94 -7.29 -12.88
CA SER A 616 -10.74 -6.84 -11.50
C SER A 616 -12.05 -6.52 -10.82
N ILE A 617 -12.99 -5.92 -11.58
CA ILE A 617 -14.34 -5.71 -11.08
C ILE A 617 -15.12 -7.00 -10.85
N GLN A 618 -15.08 -7.92 -11.79
CA GLN A 618 -15.76 -9.18 -11.62
C GLN A 618 -15.23 -9.81 -10.35
N LEU A 619 -13.93 -9.71 -10.14
CA LEU A 619 -13.28 -10.31 -8.99
C LEU A 619 -13.86 -9.71 -7.74
N CYS A 620 -13.93 -8.39 -7.69
CA CYS A 620 -14.51 -7.72 -6.53
C CYS A 620 -15.83 -8.34 -6.15
N ARG A 621 -16.70 -8.53 -7.13
CA ARG A 621 -18.00 -9.17 -6.91
C ARG A 621 -17.76 -10.47 -6.17
N ASP A 622 -16.82 -11.26 -6.64
CA ASP A 622 -16.50 -12.52 -6.00
C ASP A 622 -16.14 -12.31 -4.54
N ALA A 623 -15.14 -11.47 -4.26
CA ALA A 623 -14.67 -11.26 -2.89
C ALA A 623 -15.64 -10.42 -2.07
N GLY A 624 -16.79 -10.16 -2.64
CA GLY A 624 -17.85 -9.53 -1.91
C GLY A 624 -17.65 -8.04 -1.66
N ILE A 625 -16.72 -7.46 -2.40
CA ILE A 625 -16.42 -6.04 -2.31
C ILE A 625 -17.35 -5.22 -3.20
N ARG A 626 -17.72 -4.03 -2.76
CA ARG A 626 -18.56 -3.15 -3.58
C ARG A 626 -17.79 -2.07 -4.36
N VAL A 627 -18.26 -1.74 -5.56
CA VAL A 627 -17.54 -0.76 -6.36
C VAL A 627 -18.35 0.46 -6.85
N ILE A 628 -17.91 1.66 -6.52
CA ILE A 628 -18.67 2.81 -6.88
C ILE A 628 -17.81 3.68 -7.78
N MET A 629 -18.29 3.90 -9.00
CA MET A 629 -17.62 4.73 -9.97
C MET A 629 -18.10 6.14 -9.85
N ILE A 630 -17.16 7.04 -9.64
CA ILE A 630 -17.43 8.47 -9.66
C ILE A 630 -16.86 9.00 -10.95
N THR A 631 -17.67 9.70 -11.72
CA THR A 631 -17.27 10.16 -13.03
C THR A 631 -17.62 11.61 -13.34
N GLY A 632 -17.05 12.15 -14.43
CA GLY A 632 -17.34 13.52 -14.87
C GLY A 632 -18.43 13.61 -15.92
N ASP A 633 -18.90 12.42 -16.37
CA ASP A 633 -19.89 12.25 -17.47
C ASP A 633 -21.31 12.38 -16.99
N ASN A 634 -22.27 12.63 -17.88
CA ASN A 634 -23.67 12.60 -17.47
C ASN A 634 -24.14 11.20 -17.11
N LYS A 635 -25.29 11.15 -16.45
CA LYS A 635 -25.82 9.92 -15.88
C LYS A 635 -25.91 8.87 -16.95
N GLY A 636 -26.32 9.29 -18.14
CA GLY A 636 -26.54 8.37 -19.26
C GLY A 636 -25.31 7.62 -19.64
N THR A 637 -24.29 8.38 -20.00
CA THR A 637 -22.99 7.85 -20.33
C THR A 637 -22.40 7.07 -19.15
N ALA A 638 -22.52 7.60 -17.92
CA ALA A 638 -21.90 6.93 -16.74
C ALA A 638 -22.50 5.57 -16.52
N ILE A 639 -23.82 5.49 -16.62
CA ILE A 639 -24.49 4.22 -16.47
C ILE A 639 -23.99 3.32 -17.56
N ALA A 640 -23.92 3.86 -18.78
CA ALA A 640 -23.41 3.09 -19.90
C ALA A 640 -22.04 2.45 -19.61
N ILE A 641 -21.06 3.30 -19.29
CA ILE A 641 -19.74 2.85 -18.88
C ILE A 641 -19.87 1.81 -17.81
N CYS A 642 -20.80 2.01 -16.91
CA CYS A 642 -20.92 1.06 -15.83
C CYS A 642 -21.33 -0.27 -16.36
N ARG A 643 -22.34 -0.28 -17.23
CA ARG A 643 -22.80 -1.53 -17.77
C ARG A 643 -21.63 -2.19 -18.44
N ARG A 644 -20.93 -1.38 -19.22
CA ARG A 644 -19.84 -1.83 -20.07
C ARG A 644 -18.70 -2.51 -19.35
N ILE A 645 -18.44 -2.15 -18.11
CA ILE A 645 -17.30 -2.70 -17.40
C ILE A 645 -17.72 -3.70 -16.31
N GLY A 646 -19.01 -4.00 -16.23
CA GLY A 646 -19.48 -4.97 -15.24
C GLY A 646 -19.91 -4.42 -13.90
N ILE A 647 -19.76 -3.11 -13.69
CA ILE A 647 -20.29 -2.50 -12.49
C ILE A 647 -21.76 -2.76 -12.55
N PHE A 648 -22.39 -2.42 -13.66
CA PHE A 648 -23.79 -2.70 -13.82
C PHE A 648 -23.96 -3.83 -14.81
N GLY A 649 -24.98 -4.66 -14.61
CA GLY A 649 -25.31 -5.71 -15.55
C GLY A 649 -25.75 -5.11 -16.88
N GLU A 650 -25.79 -5.94 -17.91
CA GLU A 650 -26.24 -5.52 -19.22
C GLU A 650 -27.70 -5.04 -19.19
N ASN A 651 -28.54 -5.72 -18.42
CA ASN A 651 -29.98 -5.44 -18.43
C ASN A 651 -30.59 -4.92 -17.13
N GLU A 652 -29.84 -4.96 -16.02
CA GLU A 652 -30.39 -4.65 -14.70
C GLU A 652 -30.96 -3.23 -14.59
N GLU A 653 -32.03 -3.12 -13.83
CA GLU A 653 -32.63 -1.83 -13.56
C GLU A 653 -31.80 -1.04 -12.57
N VAL A 654 -31.18 0.02 -13.07
CA VAL A 654 -30.27 0.80 -12.23
C VAL A 654 -30.91 2.09 -11.73
N ALA A 655 -32.14 2.32 -12.17
CA ALA A 655 -32.87 3.56 -11.90
C ALA A 655 -32.44 4.23 -10.61
N ASP A 656 -32.39 3.46 -9.54
CA ASP A 656 -32.12 3.99 -8.21
C ASP A 656 -30.68 3.73 -7.78
N ARG A 657 -29.87 3.13 -8.64
CA ARG A 657 -28.55 2.74 -8.19
C ARG A 657 -27.49 3.64 -8.75
N ALA A 658 -27.93 4.75 -9.31
CA ALA A 658 -27.00 5.68 -9.87
C ALA A 658 -27.53 7.09 -9.84
N TYR A 659 -26.69 8.01 -9.38
CA TYR A 659 -27.10 9.39 -9.10
C TYR A 659 -26.14 10.38 -9.70
N THR A 660 -26.61 11.60 -9.85
CA THR A 660 -25.75 12.67 -10.32
C THR A 660 -25.65 13.56 -9.13
N GLY A 661 -24.71 14.51 -9.17
CA GLY A 661 -24.54 15.44 -8.06
C GLY A 661 -25.86 16.07 -7.70
N ARG A 662 -26.47 16.76 -8.68
CA ARG A 662 -27.79 17.40 -8.58
C ARG A 662 -28.77 16.52 -7.87
N GLU A 663 -29.05 15.36 -8.45
CA GLU A 663 -30.05 14.44 -7.93
C GLU A 663 -29.81 14.19 -6.49
N PHE A 664 -28.55 13.95 -6.13
CA PHE A 664 -28.16 13.75 -4.75
C PHE A 664 -28.55 14.95 -3.89
N ASP A 665 -28.12 16.13 -4.32
CA ASP A 665 -28.37 17.32 -3.55
C ASP A 665 -29.85 17.56 -3.39
N ASP A 666 -30.63 17.26 -4.43
CA ASP A 666 -32.09 17.40 -4.40
C ASP A 666 -32.76 16.28 -3.56
N LEU A 667 -31.95 15.56 -2.81
CA LEU A 667 -32.47 14.56 -1.88
C LEU A 667 -32.34 15.03 -0.44
N PRO A 668 -33.27 14.59 0.43
CA PRO A 668 -33.09 14.88 1.83
C PRO A 668 -32.06 13.91 2.40
N LEU A 669 -31.41 14.32 3.48
CA LEU A 669 -30.31 13.57 4.09
C LEU A 669 -30.63 12.13 4.53
N ALA A 670 -31.78 11.93 5.15
CA ALA A 670 -32.26 10.61 5.52
C ALA A 670 -32.39 9.69 4.33
N GLU A 671 -32.63 10.26 3.16
CA GLU A 671 -32.67 9.50 1.91
C GLU A 671 -31.31 9.42 1.22
N GLN A 672 -30.48 10.44 1.39
CA GLN A 672 -29.12 10.38 0.91
C GLN A 672 -28.44 9.19 1.53
N ARG A 673 -28.52 9.11 2.86
CA ARG A 673 -27.85 8.01 3.55
C ARG A 673 -28.36 6.71 2.97
N GLU A 674 -29.63 6.73 2.62
CA GLU A 674 -30.29 5.58 2.07
C GLU A 674 -29.66 5.20 0.73
N ALA A 675 -29.36 6.20 -0.09
CA ALA A 675 -28.83 5.96 -1.45
C ALA A 675 -27.52 5.22 -1.38
N CYS A 676 -26.59 5.83 -0.66
CA CYS A 676 -25.25 5.28 -0.53
C CYS A 676 -25.24 3.77 -0.31
N ARG A 677 -26.23 3.22 0.39
CA ARG A 677 -26.17 1.78 0.66
C ARG A 677 -26.27 0.89 -0.59
N ARG A 678 -26.74 1.42 -1.71
CA ARG A 678 -26.94 0.61 -2.91
C ARG A 678 -26.47 1.31 -4.20
N ALA A 679 -25.88 2.51 -4.05
CA ALA A 679 -25.36 3.28 -5.19
C ALA A 679 -24.09 2.62 -5.73
N CYS A 680 -23.85 2.74 -7.03
CA CYS A 680 -22.64 2.20 -7.65
C CYS A 680 -22.05 3.12 -8.65
N CYS A 681 -22.79 4.16 -8.98
CA CYS A 681 -22.39 5.06 -10.02
C CYS A 681 -22.84 6.43 -9.63
N PHE A 682 -21.88 7.34 -9.47
CA PHE A 682 -22.16 8.76 -9.21
C PHE A 682 -21.60 9.60 -10.29
N ALA A 683 -22.31 10.65 -10.71
CA ALA A 683 -21.87 11.48 -11.85
C ALA A 683 -22.03 12.96 -11.61
N ARG A 684 -21.11 13.74 -12.17
CA ARG A 684 -21.03 15.21 -12.02
C ARG A 684 -21.20 15.56 -10.57
N VAL A 685 -20.26 15.10 -9.77
CA VAL A 685 -20.34 15.45 -8.38
C VAL A 685 -19.24 16.44 -8.06
N GLU A 686 -19.44 17.11 -6.92
CA GLU A 686 -18.52 18.07 -6.32
C GLU A 686 -17.65 17.37 -5.28
N PRO A 687 -16.46 17.96 -4.98
CA PRO A 687 -15.44 17.33 -4.13
C PRO A 687 -15.98 17.00 -2.73
N SER A 688 -17.02 17.73 -2.34
CA SER A 688 -17.65 17.50 -1.07
C SER A 688 -18.33 16.16 -1.14
N HIS A 689 -19.18 15.98 -2.16
CA HIS A 689 -19.91 14.73 -2.33
C HIS A 689 -19.13 13.49 -1.92
N LYS A 690 -17.86 13.43 -2.28
CA LYS A 690 -17.04 12.30 -1.90
C LYS A 690 -17.19 12.14 -0.40
N SER A 691 -16.72 13.11 0.37
CA SER A 691 -16.75 12.98 1.83
C SER A 691 -18.09 12.52 2.38
N LYS A 692 -19.17 13.14 1.90
CA LYS A 692 -20.51 12.75 2.31
C LYS A 692 -20.73 11.27 1.98
N ILE A 693 -20.42 10.86 0.76
CA ILE A 693 -20.58 9.46 0.40
C ILE A 693 -19.86 8.57 1.42
N VAL A 694 -18.61 8.87 1.71
CA VAL A 694 -17.82 8.10 2.67
C VAL A 694 -18.57 7.95 4.00
N GLU A 695 -19.00 9.11 4.49
CA GLU A 695 -19.77 9.26 5.71
C GLU A 695 -20.84 8.19 5.81
N TYR A 696 -21.74 8.19 4.84
CA TYR A 696 -22.82 7.23 4.83
C TYR A 696 -22.32 5.81 4.71
N LEU A 697 -21.24 5.61 4.00
CA LEU A 697 -20.69 4.27 3.85
C LEU A 697 -20.18 3.83 5.18
N GLN A 698 -19.66 4.75 5.97
CA GLN A 698 -19.26 4.39 7.34
C GLN A 698 -20.44 3.98 8.17
N SER A 699 -21.52 4.75 8.04
CA SER A 699 -22.77 4.51 8.73
C SER A 699 -23.37 3.14 8.49
N TYR A 700 -22.76 2.34 7.63
CA TYR A 700 -23.23 0.99 7.41
C TYR A 700 -22.13 0.04 7.74
N ASP A 701 -21.12 0.57 8.43
CA ASP A 701 -19.95 -0.20 8.88
C ASP A 701 -19.17 -0.77 7.71
N GLU A 702 -19.04 0.06 6.69
CA GLU A 702 -18.23 -0.32 5.54
C GLU A 702 -16.83 0.18 5.80
N ILE A 703 -15.87 -0.66 5.41
CA ILE A 703 -14.49 -0.26 5.26
C ILE A 703 -14.32 0.20 3.82
N THR A 704 -13.95 1.46 3.63
CA THR A 704 -14.01 2.08 2.30
C THR A 704 -12.69 2.61 1.74
N ALA A 705 -12.39 2.19 0.52
CA ALA A 705 -11.27 2.73 -0.19
C ALA A 705 -11.82 3.87 -1.04
N MET A 706 -11.14 5.01 -0.96
CA MET A 706 -11.53 6.17 -1.72
C MET A 706 -10.34 6.60 -2.54
N THR A 707 -10.51 6.65 -3.84
CA THR A 707 -9.50 7.22 -4.72
C THR A 707 -9.69 8.72 -4.73
N GLY A 708 -8.63 9.43 -5.04
CA GLY A 708 -8.62 10.89 -5.09
C GLY A 708 -7.24 11.28 -5.59
N ASP A 709 -7.09 12.54 -6.04
CA ASP A 709 -5.79 13.00 -6.53
C ASP A 709 -5.66 14.51 -6.52
N GLY A 710 -6.77 15.19 -6.23
CA GLY A 710 -6.82 16.65 -6.14
C GLY A 710 -6.48 17.18 -4.76
N VAL A 711 -5.91 18.38 -4.70
CA VAL A 711 -5.62 19.00 -3.43
C VAL A 711 -6.90 18.96 -2.60
N ASN A 712 -8.01 19.31 -3.23
CA ASN A 712 -9.29 19.40 -2.57
C ASN A 712 -9.86 18.03 -2.26
N ASP A 713 -9.22 16.98 -2.76
CA ASP A 713 -9.58 15.63 -2.35
C ASP A 713 -9.17 15.29 -0.91
N ALA A 714 -8.02 15.81 -0.48
CA ALA A 714 -7.41 15.53 0.84
C ALA A 714 -8.38 15.29 2.01
N PRO A 715 -9.43 16.13 2.18
CA PRO A 715 -10.35 15.87 3.27
C PRO A 715 -11.05 14.51 3.18
N ALA A 716 -11.68 14.23 2.03
CA ALA A 716 -12.43 12.96 1.81
C ALA A 716 -11.54 11.72 1.88
N LEU A 717 -10.34 11.84 1.33
CA LEU A 717 -9.34 10.82 1.42
C LEU A 717 -9.06 10.56 2.87
N LYS A 718 -8.82 11.63 3.64
CA LYS A 718 -8.47 11.53 5.05
C LYS A 718 -9.61 10.94 5.84
N LYS A 719 -10.82 11.26 5.44
CA LYS A 719 -11.98 10.73 6.12
C LYS A 719 -12.15 9.27 5.80
N ALA A 720 -11.65 8.83 4.66
CA ALA A 720 -11.84 7.46 4.28
C ALA A 720 -10.98 6.58 5.18
N GLU A 721 -11.35 5.30 5.27
CA GLU A 721 -10.60 4.31 6.05
C GLU A 721 -9.31 4.10 5.33
N ILE A 722 -9.42 3.81 4.04
CA ILE A 722 -8.27 3.70 3.19
C ILE A 722 -8.35 4.77 2.10
N GLY A 723 -7.62 5.87 2.31
CA GLY A 723 -7.41 6.84 1.25
C GLY A 723 -6.47 6.28 0.18
N ILE A 724 -6.83 6.48 -1.08
CA ILE A 724 -5.95 6.12 -2.16
C ILE A 724 -5.69 7.30 -3.08
N ALA A 725 -4.43 7.73 -3.11
CA ALA A 725 -4.01 8.81 -3.95
C ALA A 725 -3.28 8.28 -5.19
N MET A 726 -3.40 9.03 -6.28
CA MET A 726 -2.76 8.67 -7.54
C MET A 726 -1.32 9.09 -7.50
N GLY A 727 -0.49 8.26 -8.12
CA GLY A 727 0.96 8.46 -8.15
C GLY A 727 1.28 9.72 -8.91
N SER A 728 0.40 10.05 -9.85
CA SER A 728 0.54 11.27 -10.63
C SER A 728 -0.38 12.30 -10.05
N GLY A 729 -0.61 12.21 -8.75
CA GLY A 729 -1.51 13.12 -8.05
C GLY A 729 -0.78 14.15 -7.24
N THR A 730 -1.52 15.11 -6.72
CA THR A 730 -0.93 16.12 -5.88
C THR A 730 -0.26 15.42 -4.73
N ALA A 731 0.93 15.89 -4.39
CA ALA A 731 1.60 15.41 -3.20
C ALA A 731 0.78 15.82 -1.97
N VAL A 732 0.12 16.98 -2.04
CA VAL A 732 -0.81 17.41 -0.98
C VAL A 732 -1.93 16.42 -0.77
N ALA A 733 -2.36 15.77 -1.86
CA ALA A 733 -3.33 14.67 -1.79
C ALA A 733 -2.73 13.45 -1.11
N LYS A 734 -1.53 13.09 -1.54
CA LYS A 734 -0.85 11.92 -0.96
C LYS A 734 -0.60 12.05 0.56
N THR A 735 -0.28 13.25 1.02
CA THR A 735 -0.04 13.50 2.45
C THR A 735 -1.28 13.17 3.27
N ALA A 736 -2.44 13.14 2.61
CA ALA A 736 -3.70 12.87 3.28
C ALA A 736 -4.14 11.39 3.16
N SER A 737 -3.39 10.63 2.39
CA SER A 737 -3.85 9.32 2.00
C SER A 737 -3.02 8.17 2.58
N GLU A 738 -3.67 7.01 2.74
CA GLU A 738 -3.05 5.86 3.37
C GLU A 738 -2.21 5.07 2.40
N MET A 739 -2.51 5.19 1.12
CA MET A 739 -1.80 4.38 0.17
C MET A 739 -1.78 5.08 -1.15
N VAL A 740 -0.71 4.86 -1.90
CA VAL A 740 -0.50 5.58 -3.15
C VAL A 740 -0.35 4.61 -4.31
N LEU A 741 -1.03 4.93 -5.41
CA LEU A 741 -1.02 4.06 -6.58
C LEU A 741 0.07 4.42 -7.58
N ALA A 742 1.16 3.66 -7.57
CA ALA A 742 2.26 3.94 -8.47
C ALA A 742 1.73 4.06 -9.90
N ASP A 743 1.00 3.04 -10.35
CA ASP A 743 0.48 3.01 -11.73
C ASP A 743 -0.96 3.56 -11.90
N ASP A 744 -1.44 4.35 -10.95
CA ASP A 744 -2.76 5.00 -11.05
C ASP A 744 -3.90 4.09 -11.52
N ASN A 745 -3.75 2.78 -11.32
CA ASN A 745 -4.69 1.80 -11.87
C ASN A 745 -5.68 1.15 -10.91
N PHE A 746 -6.95 1.20 -11.27
CA PHE A 746 -7.96 0.59 -10.42
C PHE A 746 -7.71 -0.90 -10.16
N SER A 747 -7.25 -1.59 -11.19
CA SER A 747 -6.87 -2.98 -11.06
C SER A 747 -5.84 -3.23 -9.95
N THR A 748 -4.91 -2.29 -9.81
CA THR A 748 -3.90 -2.36 -8.78
C THR A 748 -4.55 -2.28 -7.42
N ILE A 749 -5.46 -1.32 -7.25
CA ILE A 749 -6.21 -1.24 -5.97
C ILE A 749 -6.66 -2.64 -5.58
N VAL A 750 -7.49 -3.24 -6.43
CA VAL A 750 -8.01 -4.57 -6.21
C VAL A 750 -6.91 -5.51 -5.81
N ALA A 751 -5.78 -5.53 -6.51
CA ALA A 751 -4.67 -6.46 -6.15
C ALA A 751 -4.21 -6.23 -4.74
N ALA A 752 -4.04 -4.96 -4.40
CA ALA A 752 -3.71 -4.54 -3.03
C ALA A 752 -4.62 -5.16 -1.98
N VAL A 753 -5.92 -4.96 -2.14
CA VAL A 753 -6.90 -5.59 -1.27
C VAL A 753 -6.69 -7.09 -1.15
N GLU A 754 -6.45 -7.77 -2.28
CA GLU A 754 -6.19 -9.19 -2.27
C GLU A 754 -4.97 -9.49 -1.42
N GLU A 755 -3.92 -8.71 -1.63
CA GLU A 755 -2.72 -8.92 -0.84
C GLU A 755 -3.01 -8.72 0.65
N GLY A 756 -3.82 -7.73 0.98
CA GLY A 756 -4.22 -7.46 2.34
C GLY A 756 -4.75 -8.72 2.97
N ARG A 757 -5.63 -9.40 2.25
CA ARG A 757 -6.24 -10.62 2.73
C ARG A 757 -5.19 -11.71 2.94
N ALA A 758 -4.26 -11.84 1.99
CA ALA A 758 -3.22 -12.88 2.05
C ALA A 758 -2.30 -12.76 3.27
N ILE A 759 -1.99 -11.52 3.61
CA ILE A 759 -1.16 -11.16 4.73
C ILE A 759 -1.89 -11.63 5.94
N TYR A 760 -3.19 -11.37 6.01
CA TYR A 760 -3.94 -11.81 7.17
C TYR A 760 -3.66 -13.28 7.36
N ASN A 761 -3.85 -14.05 6.32
CA ASN A 761 -3.55 -15.45 6.43
C ASN A 761 -2.16 -15.78 6.96
N ASN A 762 -1.13 -15.16 6.39
CA ASN A 762 0.24 -15.43 6.85
C ASN A 762 0.44 -15.14 8.32
N MET A 763 -0.16 -14.05 8.77
CA MET A 763 -0.19 -13.74 10.18
C MET A 763 -0.75 -14.95 10.94
N LYS A 764 -1.85 -15.50 10.44
CA LYS A 764 -2.52 -16.61 11.07
C LYS A 764 -1.67 -17.86 11.03
N GLN A 765 -0.89 -18.03 9.97
CA GLN A 765 0.04 -19.17 9.83
C GLN A 765 1.19 -19.20 10.85
N PHE A 766 1.93 -18.10 10.93
CA PHE A 766 2.98 -17.86 11.90
C PHE A 766 2.43 -18.06 13.31
N ILE A 767 1.23 -17.57 13.56
CA ILE A 767 0.59 -17.78 14.86
C ILE A 767 0.35 -19.26 15.16
N ARG A 768 -0.44 -19.93 14.33
CA ARG A 768 -0.85 -21.30 14.62
C ARG A 768 0.33 -22.14 15.01
N TYR A 769 1.31 -22.13 14.13
CA TYR A 769 2.51 -22.89 14.34
C TYR A 769 3.24 -22.42 15.57
N LEU A 770 3.23 -21.13 15.85
CA LEU A 770 3.88 -20.71 17.07
C LEU A 770 3.11 -21.31 18.22
N ILE A 771 1.99 -20.70 18.54
CA ILE A 771 1.16 -21.09 19.66
C ILE A 771 1.03 -22.60 19.82
N SER A 772 0.73 -23.31 18.72
CA SER A 772 0.54 -24.78 18.81
C SER A 772 1.80 -25.49 19.30
N SER A 773 2.89 -25.39 18.55
CA SER A 773 4.19 -25.89 18.97
C SER A 773 4.46 -25.71 20.47
N ASN A 774 4.27 -24.50 20.96
CA ASN A 774 4.49 -24.21 22.36
C ASN A 774 3.51 -24.87 23.31
N VAL A 775 2.24 -24.95 22.92
CA VAL A 775 1.27 -25.69 23.71
C VAL A 775 1.85 -27.06 24.01
N GLY A 776 2.23 -27.77 22.95
CA GLY A 776 2.80 -29.10 23.08
C GLY A 776 4.07 -29.10 23.92
N GLU A 777 4.92 -28.12 23.67
CA GLU A 777 6.16 -27.94 24.43
C GLU A 777 5.90 -27.97 25.94
N VAL A 778 4.68 -27.62 26.35
CA VAL A 778 4.34 -27.60 27.77
C VAL A 778 3.74 -28.90 28.22
N VAL A 779 2.74 -29.36 27.49
CA VAL A 779 2.00 -30.56 27.88
C VAL A 779 2.95 -31.72 28.12
N CYS A 780 3.94 -31.82 27.25
CA CYS A 780 4.99 -32.79 27.38
C CYS A 780 5.57 -32.83 28.80
N ILE A 781 6.12 -31.68 29.20
CA ILE A 781 6.79 -31.50 30.49
C ILE A 781 5.80 -31.53 31.64
N PHE A 782 4.53 -31.30 31.35
CA PHE A 782 3.52 -31.44 32.39
C PHE A 782 3.15 -32.91 32.58
N LEU A 783 3.14 -33.67 31.50
CA LEU A 783 2.88 -35.11 31.58
C LEU A 783 3.89 -35.88 32.42
N THR A 784 5.18 -35.64 32.16
CA THR A 784 6.25 -36.27 32.94
C THR A 784 6.11 -35.93 34.42
N ALA A 785 5.37 -34.86 34.71
CA ALA A 785 5.13 -34.40 36.05
C ALA A 785 3.84 -34.97 36.61
N ALA A 786 2.87 -35.22 35.73
CA ALA A 786 1.58 -35.75 36.15
C ALA A 786 1.54 -37.28 36.17
N LEU A 787 2.67 -37.90 35.82
CA LEU A 787 2.73 -39.35 35.74
C LEU A 787 3.96 -39.92 36.43
N GLY A 788 4.82 -39.02 36.92
CA GLY A 788 6.05 -39.41 37.62
C GLY A 788 7.14 -39.95 36.68
N LEU A 789 6.76 -40.14 35.42
CA LEU A 789 7.65 -40.69 34.39
C LEU A 789 9.01 -40.01 34.40
N PRO A 790 10.12 -40.79 34.29
CA PRO A 790 11.43 -40.15 34.16
C PRO A 790 11.44 -39.16 33.01
N GLU A 791 11.43 -37.88 33.34
CA GLU A 791 11.34 -36.76 32.39
C GLU A 791 12.05 -37.04 31.07
N ALA A 792 11.30 -36.82 29.99
CA ALA A 792 11.74 -37.11 28.61
C ALA A 792 12.73 -36.09 28.09
N LEU A 793 12.46 -34.83 28.38
CA LEU A 793 13.41 -33.80 28.02
C LEU A 793 13.90 -33.08 29.25
N ILE A 794 15.20 -32.85 29.29
CA ILE A 794 15.80 -32.05 30.35
C ILE A 794 15.98 -30.62 29.86
N PRO A 795 15.93 -29.65 30.79
CA PRO A 795 16.01 -28.24 30.47
C PRO A 795 16.83 -27.94 29.22
N VAL A 796 18.06 -28.44 29.16
CA VAL A 796 18.95 -28.12 28.05
C VAL A 796 18.47 -28.65 26.70
N GLN A 797 17.97 -29.88 26.71
CA GLN A 797 17.44 -30.51 25.51
C GLN A 797 16.29 -29.71 24.94
N LEU A 798 15.37 -29.32 25.82
CA LEU A 798 14.21 -28.49 25.50
C LEU A 798 14.56 -27.13 24.90
N LEU A 799 15.56 -26.46 25.48
CA LEU A 799 15.98 -25.14 25.04
C LEU A 799 16.70 -25.18 23.72
N TRP A 800 17.20 -26.35 23.34
CA TRP A 800 17.82 -26.54 22.03
C TRP A 800 16.77 -26.62 20.98
N VAL A 801 15.84 -27.56 21.17
CA VAL A 801 14.75 -27.79 20.24
C VAL A 801 14.06 -26.46 20.01
N ASN A 802 13.71 -25.80 21.12
CA ASN A 802 13.10 -24.50 21.03
C ASN A 802 13.95 -23.56 20.20
N LEU A 803 15.23 -23.48 20.56
CA LEU A 803 16.18 -22.64 19.85
C LEU A 803 16.34 -23.02 18.38
N VAL A 804 15.58 -23.99 17.92
CA VAL A 804 15.59 -24.30 16.50
C VAL A 804 14.20 -24.08 15.97
N THR A 805 13.21 -24.63 16.66
CA THR A 805 11.81 -24.53 16.21
C THR A 805 11.34 -23.10 15.96
N ASP A 806 11.66 -22.19 16.88
CA ASP A 806 11.33 -20.78 16.73
C ASP A 806 12.48 -19.98 16.19
N GLY A 807 13.45 -20.67 15.57
CA GLY A 807 14.62 -20.01 15.02
C GLY A 807 14.69 -20.00 13.52
N LEU A 808 14.49 -21.16 12.90
CA LEU A 808 14.64 -21.28 11.47
C LEU A 808 13.30 -21.61 10.83
N PRO A 809 12.83 -22.87 10.99
CA PRO A 809 11.61 -23.35 10.34
C PRO A 809 10.43 -22.44 10.61
N ALA A 810 10.52 -21.64 11.67
CA ALA A 810 9.51 -20.64 12.00
C ALA A 810 9.54 -19.47 11.06
N THR A 811 10.72 -18.87 10.92
CA THR A 811 10.89 -17.69 10.10
C THR A 811 10.65 -17.99 8.62
N ALA A 812 10.89 -19.24 8.23
CA ALA A 812 10.66 -19.70 6.85
C ALA A 812 9.19 -19.71 6.42
N LEU A 813 8.30 -19.63 7.42
CA LEU A 813 6.87 -19.48 7.19
C LEU A 813 6.51 -18.04 6.75
N GLY A 814 7.43 -17.10 7.01
CA GLY A 814 7.29 -15.74 6.53
C GLY A 814 7.42 -15.70 5.01
N PHE A 815 7.63 -16.88 4.42
CA PHE A 815 7.81 -17.03 2.98
C PHE A 815 6.71 -17.90 2.37
N ASN A 816 5.65 -18.13 3.13
CA ASN A 816 4.50 -18.83 2.59
C ASN A 816 3.81 -18.00 1.50
N PRO A 817 3.43 -18.65 0.40
CA PRO A 817 2.68 -18.02 -0.67
C PRO A 817 1.23 -17.74 -0.22
N PRO A 818 0.49 -16.90 -0.96
CA PRO A 818 -0.93 -16.67 -0.65
C PRO A 818 -1.76 -17.96 -0.70
N ASP A 819 -2.85 -18.04 0.07
CA ASP A 819 -3.75 -19.21 0.05
C ASP A 819 -4.41 -19.48 -1.30
N LEU A 820 -5.67 -19.93 -1.28
CA LEU A 820 -6.29 -20.48 -2.50
C LEU A 820 -7.71 -20.08 -2.86
N ASP A 821 -8.50 -19.86 -1.84
CA ASP A 821 -9.87 -19.44 -2.06
C ASP A 821 -10.04 -18.03 -1.49
N ILE A 822 -8.89 -17.44 -1.17
CA ILE A 822 -8.77 -16.13 -0.54
C ILE A 822 -9.71 -15.07 -1.10
N MET A 823 -10.01 -15.15 -2.39
CA MET A 823 -10.88 -14.14 -2.99
C MET A 823 -12.33 -14.60 -3.18
N ASP A 824 -12.62 -15.86 -2.87
CA ASP A 824 -13.96 -16.39 -3.10
C ASP A 824 -14.85 -16.25 -1.88
N ARG A 825 -14.24 -15.86 -0.78
CA ARG A 825 -14.92 -15.61 0.47
C ARG A 825 -15.28 -14.10 0.57
N PRO A 826 -16.29 -13.74 1.39
CA PRO A 826 -16.69 -12.36 1.67
C PRO A 826 -15.68 -11.61 2.54
N PRO A 827 -15.70 -10.27 2.50
CA PRO A 827 -14.64 -9.52 3.16
C PRO A 827 -14.65 -9.78 4.62
N ARG A 828 -13.46 -9.83 5.21
CA ARG A 828 -13.32 -10.05 6.66
C ARG A 828 -13.85 -8.84 7.45
N SER A 829 -14.47 -9.11 8.60
CA SER A 829 -14.95 -8.05 9.49
C SER A 829 -13.88 -7.67 10.48
N PRO A 830 -13.64 -6.35 10.67
CA PRO A 830 -12.70 -5.94 11.72
C PRO A 830 -13.25 -6.28 13.12
N LYS A 831 -14.55 -6.60 13.20
CA LYS A 831 -15.24 -6.90 14.46
C LYS A 831 -14.96 -8.29 14.98
N GLU A 832 -14.66 -9.25 14.10
CA GLU A 832 -14.50 -10.65 14.51
C GLU A 832 -13.23 -10.89 15.33
N PRO A 833 -13.25 -11.90 16.24
CA PRO A 833 -12.11 -12.17 17.10
C PRO A 833 -10.93 -12.79 16.35
N LEU A 834 -9.71 -12.52 16.84
CA LEU A 834 -8.47 -12.93 16.17
C LEU A 834 -8.39 -14.43 16.07
N ILE A 835 -8.50 -15.07 17.23
CA ILE A 835 -8.51 -16.49 17.25
C ILE A 835 -9.94 -16.90 17.58
N SER A 836 -10.52 -17.62 16.62
CA SER A 836 -11.87 -18.14 16.75
C SER A 836 -11.86 -19.30 17.71
N GLY A 837 -13.04 -19.69 18.19
CA GLY A 837 -13.19 -20.82 19.11
C GLY A 837 -12.69 -22.15 18.55
N TRP A 838 -13.08 -22.45 17.31
CA TRP A 838 -12.61 -23.61 16.61
C TRP A 838 -11.09 -23.63 16.43
N LEU A 839 -10.52 -22.46 16.08
CA LEU A 839 -9.06 -22.36 15.86
C LEU A 839 -8.28 -22.68 17.11
N PHE A 840 -8.76 -22.20 18.25
CA PHE A 840 -8.13 -22.50 19.53
C PHE A 840 -8.08 -24.01 19.79
N PHE A 841 -9.20 -24.67 19.51
CA PHE A 841 -9.29 -26.10 19.64
C PHE A 841 -8.29 -26.80 18.74
N ARG A 842 -8.17 -26.31 17.52
CA ARG A 842 -7.21 -26.82 16.57
C ARG A 842 -5.82 -26.72 17.20
N TYR A 843 -5.57 -25.64 17.90
CA TYR A 843 -4.26 -25.42 18.50
C TYR A 843 -3.97 -26.48 19.54
N MET A 844 -4.91 -26.67 20.47
CA MET A 844 -4.76 -27.69 21.50
C MET A 844 -4.59 -29.07 20.88
N ALA A 845 -5.54 -29.49 20.06
CA ALA A 845 -5.47 -30.76 19.35
C ALA A 845 -4.06 -31.10 18.90
N ILE A 846 -3.54 -30.33 17.94
CA ILE A 846 -2.19 -30.57 17.49
C ILE A 846 -1.23 -30.46 18.69
N GLY A 847 -1.19 -29.27 19.30
CA GLY A 847 -0.27 -28.96 20.39
C GLY A 847 -0.18 -30.08 21.40
N GLY A 848 -1.29 -30.32 22.08
CA GLY A 848 -1.41 -31.41 23.04
C GLY A 848 -0.88 -32.71 22.46
N TYR A 849 -1.34 -33.05 21.27
CA TYR A 849 -0.90 -34.27 20.60
C TYR A 849 0.62 -34.40 20.61
N VAL A 850 1.31 -33.28 20.38
CA VAL A 850 2.77 -33.29 20.30
C VAL A 850 3.40 -33.67 21.64
N GLY A 851 2.80 -33.24 22.74
CA GLY A 851 3.27 -33.64 24.07
C GLY A 851 3.18 -35.14 24.30
N ALA A 852 2.06 -35.72 23.89
CA ALA A 852 1.80 -37.14 24.01
C ALA A 852 2.81 -37.96 23.24
N ALA A 853 3.04 -37.59 21.98
CA ALA A 853 4.03 -38.28 21.16
C ALA A 853 5.46 -37.95 21.60
N THR A 854 5.58 -37.05 22.57
CA THR A 854 6.89 -36.78 23.14
C THR A 854 7.10 -37.71 24.32
N VAL A 855 6.16 -37.76 25.28
CA VAL A 855 6.31 -38.73 26.37
C VAL A 855 6.15 -40.15 25.86
N GLY A 856 5.39 -40.33 24.79
CA GLY A 856 5.20 -41.62 24.14
C GLY A 856 6.51 -42.23 23.67
N ALA A 857 7.30 -41.42 22.97
CA ALA A 857 8.62 -41.84 22.48
C ALA A 857 9.50 -42.43 23.58
N ALA A 858 9.34 -41.92 24.81
CA ALA A 858 10.04 -42.45 25.97
C ALA A 858 9.35 -43.72 26.39
N ALA A 859 8.06 -43.60 26.68
CA ALA A 859 7.23 -44.73 27.09
C ALA A 859 7.53 -45.98 26.26
N TRP A 860 7.70 -45.80 24.95
CA TRP A 860 8.01 -46.88 24.03
C TRP A 860 9.37 -47.52 24.24
N TRP A 861 10.40 -46.71 24.52
CA TRP A 861 11.72 -47.26 24.74
C TRP A 861 11.83 -47.98 26.07
N PHE A 862 10.77 -47.90 26.88
CA PHE A 862 10.73 -48.66 28.13
C PHE A 862 9.74 -49.80 28.07
N MET A 863 8.51 -49.54 28.49
CA MET A 863 7.44 -50.55 28.53
C MET A 863 7.48 -51.51 27.34
N TYR A 864 7.30 -50.94 26.14
CA TYR A 864 7.25 -51.71 24.89
C TYR A 864 8.60 -51.59 24.16
N ALA A 865 9.67 -51.36 24.92
CA ALA A 865 11.03 -51.22 24.37
C ALA A 865 11.43 -52.42 23.54
N GLU A 866 11.28 -52.28 22.23
CA GLU A 866 11.65 -53.34 21.30
C GLU A 866 13.15 -53.35 21.07
N ASP A 867 13.76 -54.54 21.20
CA ASP A 867 15.20 -54.73 21.04
C ASP A 867 16.03 -53.70 21.82
N GLY A 868 15.36 -52.97 22.71
CA GLY A 868 15.99 -51.97 23.52
C GLY A 868 15.77 -52.34 24.97
N PRO A 869 16.70 -51.94 25.85
CA PRO A 869 16.62 -52.24 27.29
C PRO A 869 15.34 -51.70 27.97
N GLY A 870 15.31 -51.70 29.31
CA GLY A 870 14.16 -51.25 30.08
C GLY A 870 13.05 -52.28 30.08
N VAL A 871 12.22 -52.23 29.05
CA VAL A 871 11.07 -53.14 28.90
C VAL A 871 10.26 -53.37 30.20
N THR A 872 10.31 -52.40 31.11
CA THR A 872 9.57 -52.46 32.38
C THR A 872 8.09 -52.12 32.18
N TYR A 873 7.34 -53.09 31.66
CA TYR A 873 5.95 -52.88 31.24
C TYR A 873 5.16 -51.97 32.20
N HIS A 874 4.97 -52.40 33.44
CA HIS A 874 4.13 -51.63 34.33
C HIS A 874 4.95 -50.86 35.32
N GLN A 875 4.26 -49.97 36.05
CA GLN A 875 4.85 -49.18 37.13
C GLN A 875 6.11 -48.46 36.71
N LEU A 876 6.26 -48.25 35.40
CA LEU A 876 7.30 -47.36 34.91
C LEU A 876 7.14 -46.00 35.60
N THR A 877 5.93 -45.75 36.08
CA THR A 877 5.58 -44.59 36.87
C THR A 877 6.64 -44.28 37.93
N HIS A 878 6.48 -44.88 39.12
CA HIS A 878 7.45 -44.76 40.20
C HIS A 878 8.73 -45.37 39.77
N PHE A 879 9.78 -44.58 39.81
CA PHE A 879 11.11 -45.03 39.46
C PHE A 879 12.04 -44.60 40.60
N MET A 880 11.48 -43.81 41.51
CA MET A 880 12.23 -43.30 42.64
C MET A 880 12.31 -44.41 43.66
N GLN A 881 11.39 -45.35 43.57
CA GLN A 881 11.47 -46.57 44.37
C GLN A 881 12.22 -47.61 43.56
N CYS A 882 13.53 -47.60 43.74
CA CYS A 882 14.43 -48.46 43.01
C CYS A 882 15.64 -48.79 43.89
N THR A 883 16.37 -47.75 44.32
CA THR A 883 17.51 -47.92 45.22
C THR A 883 17.03 -48.52 46.55
N GLU A 884 15.95 -47.93 47.09
CA GLU A 884 15.35 -48.34 48.36
C GLU A 884 14.52 -49.61 48.18
N ASP A 885 13.26 -49.43 47.79
CA ASP A 885 12.30 -50.52 47.67
C ASP A 885 12.47 -51.20 46.31
N HIS A 886 13.39 -52.15 46.24
CA HIS A 886 13.70 -52.86 45.00
C HIS A 886 13.29 -54.32 44.92
N PRO A 887 12.23 -54.75 45.67
CA PRO A 887 11.80 -56.13 45.47
C PRO A 887 11.03 -56.33 44.16
N HIS A 888 10.90 -55.26 43.37
CA HIS A 888 10.29 -55.30 42.05
C HIS A 888 11.33 -55.27 40.96
N PHE A 889 12.59 -55.02 41.36
CA PHE A 889 13.75 -55.05 40.46
C PHE A 889 13.97 -56.45 39.89
N GLU A 890 14.12 -56.49 38.57
CA GLU A 890 14.31 -57.75 37.87
C GLU A 890 15.09 -57.50 36.58
N GLY A 891 16.39 -57.81 36.61
CA GLY A 891 17.28 -57.61 35.46
C GLY A 891 17.26 -56.17 34.98
N LEU A 892 16.69 -55.30 35.80
CA LEU A 892 16.62 -53.88 35.49
C LEU A 892 17.44 -53.08 36.50
N ASP A 893 18.59 -52.59 36.03
CA ASP A 893 19.44 -51.70 36.79
C ASP A 893 18.74 -50.34 36.94
N CYS A 894 18.85 -49.71 38.10
CA CYS A 894 18.17 -48.42 38.35
C CYS A 894 18.64 -47.31 37.44
N GLU A 895 19.94 -47.27 37.20
CA GLU A 895 20.58 -46.30 36.33
C GLU A 895 20.02 -46.35 34.89
N ILE A 896 18.87 -46.99 34.73
CA ILE A 896 18.20 -47.10 33.43
C ILE A 896 17.24 -45.96 33.13
N PHE A 897 16.56 -45.46 34.17
CA PHE A 897 15.76 -44.24 34.04
C PHE A 897 16.66 -43.02 33.92
N GLU A 898 17.94 -43.26 33.76
CA GLU A 898 18.88 -42.20 33.50
C GLU A 898 19.67 -42.54 32.24
N ALA A 899 19.11 -43.41 31.40
CA ALA A 899 19.74 -43.80 30.13
C ALA A 899 19.53 -42.71 29.07
N PRO A 900 20.55 -42.46 28.23
CA PRO A 900 20.49 -41.44 27.15
C PRO A 900 19.73 -41.92 25.91
N GLU A 901 18.70 -42.73 26.14
CA GLU A 901 17.90 -43.33 25.07
C GLU A 901 16.51 -42.69 25.00
N PRO A 902 15.72 -42.76 26.09
CA PRO A 902 14.40 -42.13 26.07
C PRO A 902 14.49 -40.66 25.70
N MET A 903 15.64 -40.06 25.97
CA MET A 903 15.93 -38.67 25.64
C MET A 903 16.09 -38.53 24.13
N THR A 904 16.91 -39.41 23.56
CA THR A 904 17.13 -39.45 22.12
C THR A 904 16.00 -40.23 21.47
N MET A 905 14.80 -40.03 22.02
CA MET A 905 13.58 -40.53 21.45
C MET A 905 12.58 -39.39 21.48
N ALA A 906 12.26 -38.93 22.68
CA ALA A 906 11.39 -37.79 22.87
C ALA A 906 11.84 -36.66 21.97
N LEU A 907 13.09 -36.25 22.16
CA LEU A 907 13.68 -35.12 21.42
C LEU A 907 13.81 -35.43 19.94
N SER A 908 14.23 -36.66 19.65
CA SER A 908 14.37 -37.12 18.27
C SER A 908 13.02 -37.09 17.53
N VAL A 909 11.92 -37.13 18.28
CA VAL A 909 10.58 -37.11 17.69
C VAL A 909 10.08 -35.67 17.60
N LEU A 910 10.21 -34.95 18.70
CA LEU A 910 9.73 -33.58 18.76
C LEU A 910 10.22 -32.79 17.56
N VAL A 911 11.53 -32.75 17.38
CA VAL A 911 12.10 -32.02 16.27
C VAL A 911 11.46 -32.39 14.93
N THR A 912 11.08 -33.65 14.75
CA THR A 912 10.53 -34.11 13.48
C THR A 912 9.05 -33.84 13.40
N ILE A 913 8.40 -33.88 14.55
CA ILE A 913 7.00 -33.54 14.66
C ILE A 913 6.81 -32.04 14.32
N GLU A 914 7.73 -31.20 14.78
CA GLU A 914 7.69 -29.77 14.49
C GLU A 914 7.82 -29.54 13.01
N MET A 915 8.64 -30.36 12.34
CA MET A 915 8.75 -30.30 10.87
C MET A 915 7.42 -30.58 10.21
N CYS A 916 6.78 -31.65 10.64
CA CYS A 916 5.46 -31.97 10.14
C CYS A 916 4.48 -30.82 10.40
N ASN A 917 4.44 -30.31 11.62
CA ASN A 917 3.60 -29.16 11.95
C ASN A 917 3.88 -27.94 11.06
N ALA A 918 5.15 -27.72 10.75
CA ALA A 918 5.55 -26.63 9.87
C ALA A 918 4.92 -26.81 8.51
N LEU A 919 4.67 -28.05 8.12
CA LEU A 919 4.07 -28.33 6.82
C LEU A 919 2.55 -28.17 6.85
N ASN A 920 1.92 -28.60 7.95
CA ASN A 920 0.50 -28.33 8.13
C ASN A 920 0.22 -26.85 8.05
N SER A 921 1.21 -26.03 8.39
CA SER A 921 1.06 -24.56 8.37
C SER A 921 1.47 -23.89 7.06
N LEU A 922 1.20 -24.56 5.93
CA LEU A 922 1.35 -23.96 4.61
C LEU A 922 0.09 -23.22 4.26
N SER A 923 -1.04 -23.90 4.38
CA SER A 923 -2.33 -23.26 4.22
C SER A 923 -3.17 -23.36 5.48
N GLU A 924 -3.97 -22.33 5.75
CA GLU A 924 -4.82 -22.31 6.95
C GLU A 924 -5.83 -23.45 6.95
N ASN A 925 -6.39 -23.76 5.78
CA ASN A 925 -7.41 -24.81 5.67
C ASN A 925 -7.18 -25.81 4.53
N GLN A 926 -6.29 -25.45 3.60
CA GLN A 926 -6.06 -26.21 2.38
C GLN A 926 -5.10 -27.34 2.61
N SER A 927 -5.54 -28.51 2.18
CA SER A 927 -4.81 -29.76 2.29
C SER A 927 -3.40 -29.71 1.71
N LEU A 928 -2.52 -30.58 2.21
CA LEU A 928 -1.19 -30.73 1.65
C LEU A 928 -1.25 -31.34 0.25
N MET A 929 -2.38 -31.98 -0.06
CA MET A 929 -2.61 -32.54 -1.40
C MET A 929 -2.83 -31.40 -2.38
N ARG A 930 -3.50 -30.35 -1.92
CA ARG A 930 -3.77 -29.16 -2.73
C ARG A 930 -2.60 -28.19 -2.66
N MET A 931 -1.95 -28.15 -1.50
CA MET A 931 -0.75 -27.35 -1.27
C MET A 931 0.41 -28.26 -0.90
N PRO A 932 1.05 -28.86 -1.90
CA PRO A 932 2.18 -29.73 -1.64
C PRO A 932 3.28 -28.99 -0.92
N PRO A 933 3.95 -29.66 0.03
CA PRO A 933 4.97 -29.07 0.90
C PRO A 933 6.19 -28.61 0.12
N TRP A 934 6.27 -29.02 -1.13
CA TRP A 934 7.31 -28.57 -2.00
C TRP A 934 7.03 -27.19 -2.52
N VAL A 935 6.01 -26.54 -1.95
CA VAL A 935 5.61 -25.19 -2.35
C VAL A 935 6.49 -24.08 -1.75
N ASN A 936 6.85 -24.25 -0.49
CA ASN A 936 7.69 -23.28 0.21
C ASN A 936 9.07 -23.84 0.33
N ILE A 937 9.85 -23.64 -0.71
CA ILE A 937 11.21 -24.15 -0.79
C ILE A 937 12.02 -23.76 0.45
N TRP A 938 11.91 -22.49 0.85
CA TRP A 938 12.67 -21.95 2.00
C TRP A 938 12.41 -22.71 3.27
N LEU A 939 11.13 -22.92 3.59
CA LEU A 939 10.72 -23.74 4.73
C LEU A 939 11.32 -25.15 4.66
N LEU A 940 11.11 -25.79 3.51
CA LEU A 940 11.65 -27.09 3.22
C LEU A 940 13.15 -27.11 3.51
N GLY A 941 13.81 -26.00 3.18
CA GLY A 941 15.24 -25.84 3.44
C GLY A 941 15.53 -25.87 4.92
N SER A 942 14.76 -25.12 5.68
CA SER A 942 14.90 -25.05 7.13
C SER A 942 14.85 -26.44 7.77
N ILE A 943 13.94 -27.27 7.28
CA ILE A 943 13.81 -28.64 7.75
C ILE A 943 15.14 -29.35 7.70
N CYS A 944 15.74 -29.35 6.51
CA CYS A 944 17.00 -30.03 6.26
C CYS A 944 18.09 -29.47 7.14
N LEU A 945 18.17 -28.14 7.20
CA LEU A 945 19.10 -27.46 8.09
C LEU A 945 18.96 -27.96 9.53
N SER A 946 17.74 -27.90 10.06
CA SER A 946 17.46 -28.40 11.39
C SER A 946 17.87 -29.87 11.55
N MET A 947 17.61 -30.67 10.50
CA MET A 947 17.92 -32.09 10.52
C MET A 947 19.41 -32.32 10.63
N SER A 948 20.19 -31.48 9.96
CA SER A 948 21.64 -31.58 10.04
C SER A 948 22.12 -31.31 11.46
N LEU A 949 21.51 -30.34 12.12
CA LEU A 949 21.89 -29.99 13.49
C LEU A 949 21.54 -31.08 14.51
N HIS A 950 20.41 -31.73 14.30
CA HIS A 950 20.01 -32.86 15.13
C HIS A 950 20.95 -34.00 14.98
N PHE A 951 21.27 -34.36 13.73
CA PHE A 951 22.24 -35.42 13.48
C PHE A 951 23.59 -35.05 14.10
N LEU A 952 23.99 -33.80 13.92
CA LEU A 952 25.27 -33.29 14.41
C LEU A 952 25.37 -33.28 15.91
N ILE A 953 24.23 -33.20 16.57
CA ILE A 953 24.18 -33.28 18.03
C ILE A 953 23.97 -34.73 18.50
N LEU A 954 24.27 -35.67 17.62
CA LEU A 954 24.12 -37.07 17.94
C LEU A 954 25.29 -37.88 17.41
N TYR A 955 26.02 -37.31 16.46
CA TYR A 955 27.05 -38.05 15.74
C TYR A 955 28.46 -37.45 15.87
N VAL A 956 28.55 -36.19 16.30
CA VAL A 956 29.87 -35.60 16.61
C VAL A 956 30.03 -35.58 18.12
N ASP A 957 30.75 -36.59 18.62
CA ASP A 957 30.87 -36.93 20.05
C ASP A 957 30.89 -35.79 21.08
N PRO A 958 31.68 -34.71 20.84
CA PRO A 958 31.57 -33.60 21.77
C PRO A 958 30.11 -33.26 22.10
N LEU A 959 29.29 -33.09 21.06
CA LEU A 959 27.88 -32.72 21.21
C LEU A 959 27.05 -33.75 22.01
N PRO A 960 26.67 -34.90 21.41
CA PRO A 960 25.74 -35.79 22.11
C PRO A 960 26.05 -36.01 23.59
N MET A 961 27.33 -36.22 23.91
CA MET A 961 27.78 -36.47 25.29
C MET A 961 27.39 -35.32 26.22
N ILE A 962 27.77 -34.12 25.82
CA ILE A 962 27.44 -32.91 26.56
C ILE A 962 25.94 -32.68 26.62
N PHE A 963 25.21 -33.20 25.64
CA PHE A 963 23.76 -33.04 25.61
C PHE A 963 22.97 -34.20 26.15
N LYS A 964 23.67 -35.21 26.67
CA LYS A 964 22.99 -36.35 27.25
C LYS A 964 22.05 -36.93 26.18
N LEU A 965 22.64 -37.45 25.10
CA LEU A 965 21.87 -38.02 23.99
C LEU A 965 22.68 -39.05 23.19
N LYS A 966 22.19 -40.30 23.14
CA LYS A 966 22.81 -41.34 22.30
C LYS A 966 21.96 -41.62 21.05
N ALA A 967 22.60 -41.58 19.88
CA ALA A 967 21.91 -41.81 18.59
C ALA A 967 21.19 -43.15 18.50
N LEU A 968 20.47 -43.37 17.42
CA LEU A 968 19.65 -44.57 17.29
C LEU A 968 19.70 -45.20 15.89
N ASP A 969 19.27 -46.47 15.83
CA ASP A 969 19.30 -47.25 14.59
C ASP A 969 18.07 -46.92 13.73
N LEU A 970 18.07 -47.45 12.51
CA LEU A 970 16.96 -47.36 11.56
C LEU A 970 15.70 -48.05 12.09
N THR A 971 15.87 -49.27 12.61
CA THR A 971 14.79 -50.05 13.25
C THR A 971 14.03 -49.20 14.29
N GLN A 972 14.63 -48.07 14.68
CA GLN A 972 14.14 -47.21 15.75
C GLN A 972 13.66 -45.86 15.21
N TRP A 973 14.33 -45.39 14.15
CA TRP A 973 13.90 -44.21 13.40
C TRP A 973 12.52 -44.42 12.91
N LEU A 974 12.22 -45.66 12.52
CA LEU A 974 10.89 -46.01 12.05
C LEU A 974 9.84 -45.61 13.08
N MET A 975 10.14 -45.88 14.35
CA MET A 975 9.23 -45.48 15.42
C MET A 975 9.01 -43.97 15.45
N VAL A 976 10.10 -43.21 15.28
CA VAL A 976 10.03 -41.75 15.18
C VAL A 976 9.04 -41.29 14.10
N LEU A 977 9.20 -41.81 12.89
CA LEU A 977 8.28 -41.51 11.79
C LEU A 977 6.87 -42.01 12.09
N LYS A 978 6.75 -43.29 12.42
CA LYS A 978 5.45 -43.89 12.76
C LYS A 978 4.76 -43.16 13.91
N ILE A 979 5.51 -42.34 14.63
CA ILE A 979 4.96 -41.57 15.75
C ILE A 979 4.74 -40.09 15.44
N SER A 980 5.46 -39.56 14.43
CA SER A 980 5.36 -38.15 14.08
C SER A 980 4.25 -37.91 13.07
N LEU A 981 4.41 -38.50 11.89
CA LEU A 981 3.51 -38.30 10.75
C LEU A 981 2.00 -38.29 11.04
N PRO A 982 1.55 -39.02 12.07
CA PRO A 982 0.14 -38.96 12.47
C PRO A 982 -0.38 -37.56 12.77
N VAL A 983 0.52 -36.60 12.90
CA VAL A 983 0.15 -35.21 13.13
C VAL A 983 -0.25 -34.58 11.80
N ILE A 984 0.58 -34.80 10.79
CA ILE A 984 0.25 -34.42 9.44
C ILE A 984 -1.20 -34.81 9.22
N GLY A 985 -1.51 -36.07 9.51
CA GLY A 985 -2.86 -36.58 9.31
C GLY A 985 -3.91 -35.98 10.22
N LEU A 986 -3.52 -35.70 11.48
CA LEU A 986 -4.48 -35.18 12.46
C LEU A 986 -4.92 -33.80 12.08
N ASP A 987 -3.95 -32.90 11.91
CA ASP A 987 -4.23 -31.55 11.46
C ASP A 987 -4.98 -31.61 10.13
N GLU A 988 -4.51 -32.47 9.24
CA GLU A 988 -5.16 -32.69 7.97
C GLU A 988 -6.64 -32.94 8.14
N ILE A 989 -6.97 -33.89 9.01
CA ILE A 989 -8.37 -34.19 9.32
C ILE A 989 -9.08 -32.93 9.75
N LEU A 990 -8.48 -32.24 10.71
CA LEU A 990 -9.06 -31.03 11.25
C LEU A 990 -9.31 -30.01 10.14
N LYS A 991 -8.27 -29.70 9.37
CA LYS A 991 -8.42 -28.80 8.24
C LYS A 991 -9.63 -29.18 7.40
N PHE A 992 -9.86 -30.46 7.26
CA PHE A 992 -10.95 -30.97 6.42
C PHE A 992 -12.31 -30.61 6.99
N ILE A 993 -12.40 -30.54 8.31
CA ILE A 993 -13.62 -30.16 8.95
C ILE A 993 -13.82 -28.66 8.78
N ALA A 994 -12.74 -27.90 8.97
CA ALA A 994 -12.76 -26.44 8.80
C ALA A 994 -13.14 -26.09 7.37
N ARG A 995 -12.76 -26.97 6.47
CA ARG A 995 -12.94 -26.78 5.07
C ARG A 995 -14.35 -27.17 4.66
N ASN A 996 -14.73 -28.41 4.90
CA ASN A 996 -16.01 -28.94 4.41
C ASN A 996 -17.17 -28.71 5.37
N TYR A 997 -16.91 -28.13 6.54
CA TYR A 997 -17.99 -27.88 7.51
C TYR A 997 -18.14 -26.41 7.90
N LEU A 998 -17.02 -25.74 8.18
CA LEU A 998 -17.07 -24.34 8.61
C LEU A 998 -16.27 -23.44 7.65
N GLU A 999 -16.63 -23.46 6.36
CA GLU A 999 -15.83 -22.77 5.34
C GLU A 999 -15.41 -21.39 5.83
N GLY A 1000 -16.39 -20.61 6.27
CA GLY A 1000 -16.16 -19.26 6.78
C GLY A 1000 -16.31 -19.17 8.29
#